data_5XS6
#
_entry.id   5XS6
#
_cell.length_a   101.062
_cell.length_b   184.795
_cell.length_c   99.088
_cell.angle_alpha   90.00
_cell.angle_beta   90.00
_cell.angle_gamma   90.00
#
_symmetry.space_group_name_H-M   'C 2 2 21'
#
loop_
_entity.id
_entity.type
_entity.pdbx_description
1 polymer Transketolase
2 non-polymer 'CALCIUM ION'
3 non-polymer DI(HYDROXYETHYL)ETHER
4 non-polymer 'THIAMINE DIPHOSPHATE'
5 water water
#
_entity_poly.entity_id   1
_entity_poly.type   'polypeptide(L)'
_entity_poly.pdbx_seq_one_letter_code
;MGSSHHHHHHSSGLVPRGSHMSSVDQKAISTIRLLAVDAVAAANSGHPGAPLGLAPAAHAVFKKMRFNPKDTKWINRDRF
VLSNGHACALLYSMLVLYGYDLTVEDLKKFRQLGSKTPGHPENTDVPGAEVTTGPLGQGICNGVGIALAQAQFAATYNKP
DFPISDSYTYVFLGDGCLMEGVSSEASSLAGHLQLGNLIAFWDDNKISIDGSTEVAFTEDVIARYKSYGWHIVEVSDADT
DITAIAAAIDEAKKVTNKPTLVRLTTTIGFGSLAQGTHGVHGAPLKADDIKQLKTKWGFNPEESFAVPAEVTASYNEHVA
ENQKIQQQWNELFAAYKQKYPELGAELQRRLDGKLPENWDKALPVYTPADAAVATRKLSEIVLSKIIPEVPEIIGGSADL
TPSNLTKAKGTVDFQPAATGLGDYSGRYIRYGVREHAMGAIMNGIAAFGANYKNYGGTFLNFVSYAAGAVRLSALSEFPI
TWVATHDSIGLGEDGPTHQPIETLAHFRATPNISVWRPADGNETSAAYKSAIESTHTPHILALTRQNLPQLEGSSIEKAS
KGGYTLVQQDKADIIIVATGSEVSLAVDALKVLEGQGIKAGVVSLPDQLTFDKQSEEYKLSVLPDGVPILSVEVMSTFGW
SKYSHQQFGLNRFGASGKAPEIFKLFEFTPEGVAERAAKTVAFYKGKDVVSPLRSAF
;
_entity_poly.pdbx_strand_id   A
#
# COMPACT_ATOMS: atom_id res chain seq x y z
N SER A 23 38.99 -6.62 -14.11
CA SER A 23 38.59 -7.61 -13.10
C SER A 23 37.19 -8.13 -13.40
N VAL A 24 36.81 -9.23 -12.77
CA VAL A 24 35.46 -9.74 -12.99
C VAL A 24 34.42 -8.76 -12.44
N ASP A 25 34.72 -8.08 -11.34
CA ASP A 25 33.80 -7.07 -10.81
C ASP A 25 33.61 -5.93 -11.81
N GLN A 26 34.70 -5.46 -12.42
CA GLN A 26 34.58 -4.42 -13.43
C GLN A 26 33.76 -4.92 -14.61
N LYS A 27 33.99 -6.16 -15.02
CA LYS A 27 33.22 -6.73 -16.12
C LYS A 27 31.74 -6.85 -15.76
N ALA A 28 31.44 -7.22 -14.51
CA ALA A 28 30.04 -7.31 -14.09
C ALA A 28 29.36 -5.94 -14.16
N ILE A 29 30.05 -4.91 -13.69
CA ILE A 29 29.48 -3.55 -13.72
C ILE A 29 29.21 -3.13 -15.16
N SER A 30 30.16 -3.40 -16.06
CA SER A 30 29.94 -3.07 -17.47
C SER A 30 28.77 -3.86 -18.04
N THR A 31 28.66 -5.14 -17.65
CA THR A 31 27.57 -5.98 -18.13
C THR A 31 26.23 -5.39 -17.73
N ILE A 32 26.10 -5.01 -16.45
CA ILE A 32 24.88 -4.39 -15.94
C ILE A 32 24.54 -3.14 -16.74
N ARG A 33 25.52 -2.25 -16.88
CA ARG A 33 25.33 -1.00 -17.60
C ARG A 33 24.83 -1.25 -19.01
N LEU A 34 25.46 -2.20 -19.71
CA LEU A 34 25.16 -2.43 -21.10
C LEU A 34 23.86 -3.20 -21.29
N LEU A 35 23.51 -4.11 -20.36
CA LEU A 35 22.19 -4.72 -20.42
C LEU A 35 21.11 -3.66 -20.31
N ALA A 36 21.28 -2.72 -19.38
CA ALA A 36 20.27 -1.68 -19.18
C ALA A 36 20.13 -0.81 -20.42
N VAL A 37 21.27 -0.38 -20.98
CA VAL A 37 21.25 0.47 -22.16
C VAL A 37 20.66 -0.26 -23.35
N ASP A 38 21.01 -1.55 -23.51
CA ASP A 38 20.48 -2.33 -24.62
C ASP A 38 18.98 -2.56 -24.47
N ALA A 39 18.49 -2.71 -23.23
CA ALA A 39 17.05 -2.87 -23.01
C ALA A 39 16.30 -1.61 -23.42
N VAL A 40 16.80 -0.45 -22.99
CA VAL A 40 16.21 0.82 -23.39
C VAL A 40 16.27 0.98 -24.91
N ALA A 41 17.38 0.57 -25.51
CA ALA A 41 17.53 0.70 -26.96
C ALA A 41 16.51 -0.15 -27.70
N ALA A 42 16.30 -1.39 -27.24
CA ALA A 42 15.36 -2.28 -27.90
C ALA A 42 13.93 -1.75 -27.81
N ALA A 43 13.57 -1.18 -26.68
CA ALA A 43 12.23 -0.60 -26.52
C ALA A 43 12.09 0.73 -27.23
N ASN A 44 13.21 1.38 -27.53
CA ASN A 44 13.23 2.78 -27.93
C ASN A 44 12.43 3.63 -26.97
N SER A 45 12.55 3.32 -25.68
CA SER A 45 11.81 3.98 -24.63
C SER A 45 12.50 3.64 -23.31
N GLY A 46 12.51 4.60 -22.40
CA GLY A 46 12.98 4.36 -21.05
C GLY A 46 14.19 5.18 -20.69
N HIS A 47 14.81 4.79 -19.58
CA HIS A 47 15.66 5.67 -18.79
C HIS A 47 17.04 5.04 -18.61
N PRO A 48 18.05 5.48 -19.38
CA PRO A 48 19.37 4.86 -19.27
C PRO A 48 20.30 5.54 -18.27
N GLY A 49 19.98 6.78 -17.86
CA GLY A 49 20.96 7.58 -17.14
C GLY A 49 21.25 7.07 -15.75
N ALA A 50 20.20 6.89 -14.93
CA ALA A 50 20.41 6.42 -13.58
C ALA A 50 20.94 4.99 -13.56
N PRO A 51 20.48 4.09 -14.44
CA PRO A 51 21.12 2.76 -14.48
C PRO A 51 22.63 2.81 -14.72
N LEU A 52 23.07 3.67 -15.65
CA LEU A 52 24.51 3.80 -15.88
C LEU A 52 25.23 4.32 -14.64
N GLY A 53 24.62 5.30 -13.95
CA GLY A 53 25.26 5.88 -12.77
C GLY A 53 25.26 4.97 -11.56
N LEU A 54 24.25 4.11 -11.43
CA LEU A 54 24.06 3.31 -10.23
C LEU A 54 24.54 1.87 -10.37
N ALA A 55 25.03 1.46 -11.54
CA ALA A 55 25.48 0.09 -11.69
C ALA A 55 26.57 -0.30 -10.70
N PRO A 56 27.59 0.52 -10.42
CA PRO A 56 28.59 0.11 -9.41
C PRO A 56 27.95 -0.15 -8.06
N ALA A 57 27.07 0.76 -7.63
CA ALA A 57 26.41 0.59 -6.34
C ALA A 57 25.51 -0.64 -6.34
N ALA A 58 24.78 -0.88 -7.44
CA ALA A 58 23.92 -2.07 -7.49
C ALA A 58 24.76 -3.33 -7.37
N HIS A 59 25.86 -3.39 -8.10
CA HIS A 59 26.75 -4.54 -7.99
C HIS A 59 27.21 -4.73 -6.55
N ALA A 60 27.67 -3.66 -5.91
CA ALA A 60 28.20 -3.78 -4.55
C ALA A 60 27.12 -4.19 -3.56
N VAL A 61 25.93 -3.60 -3.67
CA VAL A 61 24.86 -3.89 -2.73
C VAL A 61 24.38 -5.33 -2.89
N PHE A 62 24.16 -5.77 -4.13
CA PHE A 62 23.68 -7.14 -4.31
C PHE A 62 24.71 -8.16 -3.82
N LYS A 63 26.01 -7.85 -3.92
N LYS A 63 26.01 -7.85 -3.95
CA LYS A 63 27.02 -8.77 -3.39
CA LYS A 63 27.03 -8.72 -3.39
C LYS A 63 27.02 -8.82 -1.87
C LYS A 63 26.89 -8.87 -1.88
N LYS A 64 26.48 -7.81 -1.20
CA LYS A 64 26.33 -7.85 0.26
C LYS A 64 25.01 -8.47 0.67
N MET A 65 24.02 -8.51 -0.21
CA MET A 65 22.68 -8.97 0.14
C MET A 65 22.61 -10.49 0.17
N ARG A 66 21.77 -10.97 1.09
CA ARG A 66 21.37 -12.36 1.18
C ARG A 66 19.99 -12.53 0.57
N PHE A 67 19.90 -13.38 -0.45
CA PHE A 67 18.66 -13.59 -1.19
C PHE A 67 18.78 -14.90 -1.93
N ASN A 68 17.63 -15.48 -2.27
CA ASN A 68 17.58 -16.69 -3.07
C ASN A 68 16.74 -16.42 -4.31
N PRO A 69 17.34 -16.37 -5.50
CA PRO A 69 16.55 -16.14 -6.72
C PRO A 69 15.50 -17.22 -6.96
N LYS A 70 15.67 -18.40 -6.36
CA LYS A 70 14.72 -19.50 -6.48
C LYS A 70 13.72 -19.53 -5.34
N ASP A 71 13.83 -18.61 -4.38
CA ASP A 71 12.83 -18.50 -3.31
C ASP A 71 12.72 -17.02 -2.93
N THR A 72 11.90 -16.31 -3.70
CA THR A 72 11.76 -14.88 -3.53
C THR A 72 11.06 -14.50 -2.23
N LYS A 73 10.49 -15.47 -1.52
CA LYS A 73 9.74 -15.19 -0.31
C LYS A 73 10.45 -15.61 0.97
N TRP A 74 11.72 -16.04 0.90
CA TRP A 74 12.45 -16.39 2.12
C TRP A 74 12.36 -15.24 3.11
N ILE A 75 11.82 -15.51 4.31
CA ILE A 75 11.43 -14.40 5.18
C ILE A 75 12.62 -13.66 5.76
N ASN A 76 13.80 -14.28 5.78
CA ASN A 76 15.00 -13.64 6.30
C ASN A 76 15.91 -13.10 5.21
N ARG A 77 15.40 -12.95 3.99
CA ARG A 77 16.17 -12.30 2.95
C ARG A 77 16.39 -10.82 3.28
N ASP A 78 17.52 -10.28 2.82
CA ASP A 78 17.59 -8.83 2.71
C ASP A 78 16.65 -8.38 1.61
N ARG A 79 16.03 -7.22 1.80
CA ARG A 79 15.16 -6.63 0.78
C ARG A 79 15.88 -5.48 0.10
N PHE A 80 15.63 -5.35 -1.21
CA PHE A 80 16.08 -4.23 -2.02
C PHE A 80 14.88 -3.51 -2.60
N VAL A 81 14.90 -2.19 -2.55
CA VAL A 81 13.84 -1.36 -3.13
C VAL A 81 14.47 -0.30 -4.03
N LEU A 82 14.01 -0.26 -5.27
CA LEU A 82 14.41 0.79 -6.22
C LEU A 82 13.35 1.88 -6.17
N SER A 83 13.57 2.89 -5.32
CA SER A 83 12.59 3.97 -5.18
C SER A 83 12.53 4.86 -6.42
N ASN A 84 13.67 5.06 -7.07
CA ASN A 84 13.73 5.75 -8.35
C ASN A 84 13.39 4.74 -9.46
N GLY A 85 12.09 4.39 -9.52
CA GLY A 85 11.64 3.24 -10.28
C GLY A 85 11.84 3.36 -11.77
N HIS A 86 11.95 4.59 -12.28
CA HIS A 86 12.26 4.78 -13.69
C HIS A 86 13.57 4.11 -14.08
N ALA A 87 14.46 3.91 -13.11
CA ALA A 87 15.73 3.25 -13.33
C ALA A 87 15.62 1.74 -13.39
N CYS A 88 14.42 1.20 -13.60
CA CYS A 88 14.20 -0.23 -13.48
C CYS A 88 14.96 -1.10 -14.46
N ALA A 89 15.45 -0.57 -15.59
CA ALA A 89 16.32 -1.41 -16.42
C ALA A 89 17.51 -1.93 -15.59
N LEU A 90 17.96 -1.14 -14.61
CA LEU A 90 19.01 -1.58 -13.70
C LEU A 90 18.55 -2.77 -12.84
N LEU A 91 17.39 -2.63 -12.20
CA LEU A 91 16.87 -3.72 -11.38
C LEU A 91 16.68 -4.98 -12.21
N TYR A 92 16.06 -4.85 -13.38
CA TYR A 92 15.82 -6.04 -14.19
C TYR A 92 17.12 -6.70 -14.59
N SER A 93 18.14 -5.90 -14.91
CA SER A 93 19.44 -6.47 -15.23
C SER A 93 20.03 -7.26 -14.08
N MET A 94 19.93 -6.74 -12.84
CA MET A 94 20.41 -7.48 -11.68
C MET A 94 19.67 -8.81 -11.52
N LEU A 95 18.34 -8.77 -11.65
CA LEU A 95 17.54 -9.96 -11.46
C LEU A 95 17.86 -11.02 -12.51
N VAL A 96 18.06 -10.59 -13.76
CA VAL A 96 18.45 -11.50 -14.82
C VAL A 96 19.82 -12.11 -14.52
N LEU A 97 20.79 -11.27 -14.14
CA LEU A 97 22.14 -11.79 -13.94
C LEU A 97 22.20 -12.77 -12.78
N TYR A 98 21.36 -12.59 -11.77
CA TYR A 98 21.33 -13.47 -10.61
C TYR A 98 20.41 -14.68 -10.79
N GLY A 99 19.76 -14.83 -11.94
CA GLY A 99 19.00 -16.04 -12.17
C GLY A 99 17.65 -16.09 -11.48
N TYR A 100 17.06 -14.94 -11.21
CA TYR A 100 15.64 -14.89 -10.91
C TYR A 100 14.86 -15.39 -12.12
N ASP A 101 13.54 -15.51 -11.97
CA ASP A 101 12.66 -15.97 -13.04
C ASP A 101 12.38 -14.83 -14.03
N LEU A 102 13.47 -14.35 -14.63
CA LEU A 102 13.49 -13.23 -15.54
C LEU A 102 14.74 -13.44 -16.38
N THR A 103 14.62 -13.34 -17.70
CA THR A 103 15.70 -13.71 -18.59
C THR A 103 16.08 -12.56 -19.51
N VAL A 104 17.19 -12.76 -20.25
CA VAL A 104 17.56 -11.81 -21.29
C VAL A 104 16.43 -11.65 -22.30
N GLU A 105 15.70 -12.73 -22.61
CA GLU A 105 14.57 -12.59 -23.53
C GLU A 105 13.51 -11.65 -22.98
N ASP A 106 13.31 -11.66 -21.66
CA ASP A 106 12.40 -10.68 -21.05
C ASP A 106 12.96 -9.26 -21.16
N LEU A 107 14.28 -9.08 -20.99
CA LEU A 107 14.88 -7.76 -21.14
C LEU A 107 14.68 -7.21 -22.54
N LYS A 108 14.74 -8.09 -23.54
CA LYS A 108 14.51 -7.65 -24.91
C LYS A 108 13.08 -7.14 -25.12
N LYS A 109 12.17 -7.49 -24.22
CA LYS A 109 10.78 -7.08 -24.26
C LYS A 109 10.48 -5.98 -23.24
N PHE A 110 11.51 -5.27 -22.78
CA PHE A 110 11.32 -4.14 -21.88
C PHE A 110 10.29 -3.19 -22.46
N ARG A 111 9.33 -2.79 -21.64
CA ARG A 111 8.34 -1.78 -22.01
C ARG A 111 7.41 -2.23 -23.14
N GLN A 112 7.34 -3.52 -23.43
N GLN A 112 7.34 -3.53 -23.43
CA GLN A 112 6.44 -4.03 -24.45
CA GLN A 112 6.49 -4.10 -24.46
C GLN A 112 5.22 -4.66 -23.82
C GLN A 112 5.23 -4.68 -23.83
N LEU A 113 4.09 -4.50 -24.49
CA LEU A 113 2.82 -4.93 -23.93
C LEU A 113 2.86 -6.40 -23.53
N GLY A 114 2.49 -6.66 -22.28
CA GLY A 114 2.42 -8.02 -21.76
C GLY A 114 3.72 -8.58 -21.22
N SER A 115 4.82 -7.83 -21.26
CA SER A 115 6.10 -8.39 -20.85
C SER A 115 6.24 -8.43 -19.32
N LYS A 116 7.25 -9.19 -18.87
CA LYS A 116 7.63 -9.25 -17.48
C LYS A 116 8.58 -8.12 -17.08
N THR A 117 8.79 -7.17 -17.99
CA THR A 117 9.71 -6.06 -17.77
C THR A 117 9.01 -4.75 -18.10
N PRO A 118 7.98 -4.39 -17.31
CA PRO A 118 7.27 -3.14 -17.56
C PRO A 118 8.14 -1.92 -17.27
N GLY A 119 7.68 -0.77 -17.77
CA GLY A 119 8.46 0.45 -17.70
C GLY A 119 8.73 0.99 -16.31
N HIS A 120 7.95 0.56 -15.32
CA HIS A 120 8.26 0.76 -13.91
C HIS A 120 7.98 -0.56 -13.21
N PRO A 121 8.72 -0.86 -12.13
CA PRO A 121 8.59 -2.21 -11.55
C PRO A 121 7.27 -2.40 -10.83
N GLU A 122 6.68 -3.57 -11.04
CA GLU A 122 5.40 -3.97 -10.46
C GLU A 122 5.62 -5.26 -9.68
N ASN A 123 5.32 -5.24 -8.37
CA ASN A 123 5.53 -6.45 -7.58
C ASN A 123 4.64 -7.61 -8.02
N THR A 124 3.47 -7.34 -8.59
CA THR A 124 2.62 -8.45 -9.02
C THR A 124 3.19 -9.19 -10.22
N ASP A 125 4.03 -8.54 -11.02
CA ASP A 125 4.44 -9.05 -12.32
C ASP A 125 5.92 -9.42 -12.40
N VAL A 126 6.76 -8.85 -11.54
CA VAL A 126 8.21 -8.96 -11.67
C VAL A 126 8.77 -9.73 -10.50
N PRO A 127 9.27 -10.96 -10.69
N PRO A 127 9.36 -10.92 -10.71
CA PRO A 127 9.94 -11.66 -9.59
CA PRO A 127 9.95 -11.66 -9.58
C PRO A 127 11.12 -10.85 -9.08
C PRO A 127 11.17 -10.90 -9.06
N GLY A 128 11.18 -10.69 -7.75
CA GLY A 128 12.24 -9.91 -7.14
C GLY A 128 11.96 -8.43 -6.98
N ALA A 129 10.81 -7.94 -7.47
CA ALA A 129 10.36 -6.59 -7.20
C ALA A 129 9.50 -6.63 -5.94
N GLU A 130 10.00 -6.06 -4.84
CA GLU A 130 9.31 -6.19 -3.56
C GLU A 130 8.05 -5.34 -3.51
N VAL A 131 8.06 -4.21 -4.22
CA VAL A 131 7.00 -3.21 -4.21
C VAL A 131 6.90 -2.65 -5.62
N THR A 132 5.86 -1.84 -5.84
CA THR A 132 5.64 -1.18 -7.11
C THR A 132 6.09 0.27 -6.97
N THR A 133 7.08 0.66 -7.77
CA THR A 133 7.63 1.99 -7.67
C THR A 133 7.55 2.66 -9.04
N GLY A 134 8.00 3.92 -9.09
CA GLY A 134 7.79 4.76 -10.25
C GLY A 134 7.24 6.10 -9.83
N PRO A 135 6.12 6.12 -9.11
CA PRO A 135 5.68 7.36 -8.47
C PRO A 135 6.70 7.75 -7.41
N LEU A 136 7.32 8.90 -7.61
CA LEU A 136 8.51 9.22 -6.83
C LEU A 136 8.17 9.39 -5.35
N GLY A 137 9.15 9.04 -4.51
CA GLY A 137 9.02 9.11 -3.09
C GLY A 137 8.50 7.85 -2.42
N GLN A 138 7.78 7.01 -3.15
CA GLN A 138 7.07 5.89 -2.52
C GLN A 138 8.04 4.82 -2.02
N GLY A 139 9.01 4.45 -2.84
CA GLY A 139 9.86 3.31 -2.51
C GLY A 139 10.62 3.48 -1.21
N ILE A 140 11.19 4.67 -0.98
CA ILE A 140 11.91 4.86 0.28
C ILE A 140 10.96 4.68 1.46
N CYS A 141 9.72 5.17 1.35
CA CYS A 141 8.76 4.97 2.42
C CYS A 141 8.38 3.51 2.57
N ASN A 142 8.25 2.80 1.44
CA ASN A 142 8.03 1.36 1.51
C ASN A 142 9.18 0.68 2.24
N GLY A 143 10.41 1.13 1.98
CA GLY A 143 11.56 0.58 2.68
C GLY A 143 11.50 0.83 4.18
N VAL A 144 11.05 2.02 4.58
CA VAL A 144 10.83 2.28 5.99
C VAL A 144 9.85 1.25 6.56
N GLY A 145 8.77 0.96 5.84
CA GLY A 145 7.82 -0.03 6.32
C GLY A 145 8.36 -1.45 6.36
N ILE A 146 9.13 -1.85 5.34
CA ILE A 146 9.78 -3.17 5.40
C ILE A 146 10.68 -3.26 6.62
N ALA A 147 11.45 -2.20 6.89
CA ALA A 147 12.35 -2.19 8.03
C ALA A 147 11.58 -2.16 9.35
N LEU A 148 10.47 -1.42 9.41
CA LEU A 148 9.64 -1.39 10.60
C LEU A 148 9.11 -2.79 10.90
N ALA A 149 8.56 -3.43 9.87
CA ALA A 149 8.07 -4.79 10.01
C ALA A 149 9.17 -5.73 10.45
N GLN A 150 10.37 -5.63 9.85
CA GLN A 150 11.44 -6.53 10.25
C GLN A 150 11.77 -6.36 11.72
N ALA A 151 11.81 -5.12 12.20
CA ALA A 151 12.13 -4.90 13.61
C ALA A 151 11.05 -5.47 14.51
N GLN A 152 9.78 -5.31 14.13
CA GLN A 152 8.68 -5.82 14.92
C GLN A 152 8.69 -7.34 14.92
N PHE A 153 8.94 -7.92 13.75
CA PHE A 153 8.98 -9.36 13.57
C PHE A 153 10.11 -9.99 14.38
N ALA A 154 11.32 -9.41 14.27
CA ALA A 154 12.44 -9.89 15.06
C ALA A 154 12.18 -9.79 16.55
N ALA A 155 11.59 -8.69 16.99
CA ALA A 155 11.30 -8.53 18.40
C ALA A 155 10.29 -9.57 18.87
N THR A 156 9.37 -9.96 17.99
CA THR A 156 8.33 -10.93 18.33
C THR A 156 8.88 -12.35 18.40
N TYR A 157 9.79 -12.73 17.49
CA TYR A 157 10.19 -14.12 17.35
C TYR A 157 11.62 -14.45 17.78
N ASN A 158 12.57 -13.52 17.69
CA ASN A 158 13.95 -13.93 17.97
C ASN A 158 14.11 -14.31 19.43
N LYS A 159 15.00 -15.27 19.66
CA LYS A 159 15.30 -15.77 20.99
C LYS A 159 16.81 -15.97 21.08
N PRO A 160 17.37 -16.16 22.27
CA PRO A 160 18.80 -16.46 22.37
C PRO A 160 19.16 -17.67 21.51
N ASP A 161 20.22 -17.54 20.71
CA ASP A 161 20.68 -18.55 19.77
C ASP A 161 19.74 -18.75 18.59
N PHE A 162 18.69 -17.94 18.47
CA PHE A 162 17.70 -18.08 17.39
C PHE A 162 17.45 -16.73 16.73
N PRO A 163 18.39 -16.26 15.90
CA PRO A 163 18.18 -15.04 15.09
C PRO A 163 17.30 -15.37 13.89
N ILE A 164 16.01 -15.57 14.16
CA ILE A 164 15.05 -15.89 13.12
C ILE A 164 15.00 -14.78 12.07
N SER A 165 15.07 -13.54 12.52
CA SER A 165 15.01 -12.39 11.62
C SER A 165 16.13 -11.43 11.94
N ASP A 166 16.99 -11.18 10.96
CA ASP A 166 18.12 -10.28 11.16
C ASP A 166 18.49 -9.57 9.87
N SER A 167 17.53 -9.43 8.97
CA SER A 167 17.76 -8.93 7.63
C SER A 167 17.75 -7.40 7.56
N TYR A 168 18.33 -6.91 6.46
CA TYR A 168 18.46 -5.50 6.18
C TYR A 168 17.52 -5.10 5.05
N THR A 169 17.31 -3.79 4.95
CA THR A 169 16.49 -3.19 3.91
C THR A 169 17.36 -2.15 3.21
N TYR A 170 17.63 -2.38 1.93
CA TYR A 170 18.48 -1.53 1.11
C TYR A 170 17.59 -0.79 0.13
N VAL A 171 17.73 0.54 0.05
CA VAL A 171 16.89 1.35 -0.82
C VAL A 171 17.76 2.25 -1.67
N PHE A 172 17.51 2.28 -2.99
CA PHE A 172 18.09 3.29 -3.86
C PHE A 172 17.05 4.38 -4.11
N LEU A 173 17.49 5.63 -4.07
CA LEU A 173 16.57 6.74 -4.33
C LEU A 173 17.36 7.87 -4.99
N GLY A 174 16.63 8.75 -5.68
CA GLY A 174 17.24 9.86 -6.34
C GLY A 174 16.74 11.21 -5.84
N ASP A 175 17.17 12.25 -6.54
CA ASP A 175 16.81 13.61 -6.17
C ASP A 175 15.29 13.79 -6.15
N GLY A 176 14.59 13.20 -7.11
CA GLY A 176 13.13 13.36 -7.16
C GLY A 176 12.46 12.80 -5.92
N CYS A 177 12.91 11.63 -5.47
CA CYS A 177 12.35 11.07 -4.24
C CYS A 177 12.59 11.99 -3.06
N LEU A 178 13.77 12.63 -3.00
CA LEU A 178 14.13 13.54 -1.91
C LEU A 178 13.36 14.84 -1.94
N MET A 179 12.83 15.23 -3.10
CA MET A 179 12.00 16.43 -3.19
C MET A 179 10.55 16.16 -2.77
N GLU A 180 10.07 14.94 -2.94
CA GLU A 180 8.68 14.61 -2.62
C GLU A 180 8.49 14.59 -1.12
N GLY A 181 7.46 15.31 -0.64
CA GLY A 181 7.25 15.42 0.79
C GLY A 181 7.05 14.10 1.51
N VAL A 182 6.49 13.11 0.82
CA VAL A 182 6.24 11.84 1.48
C VAL A 182 7.54 11.25 2.01
N SER A 183 8.67 11.43 1.30
N SER A 183 8.65 11.43 1.29
CA SER A 183 9.92 10.87 1.79
CA SER A 183 9.93 10.88 1.74
C SER A 183 10.43 11.61 3.02
C SER A 183 10.40 11.57 3.02
N SER A 184 10.14 12.91 3.13
N SER A 184 10.16 12.88 3.13
CA SER A 184 10.50 13.64 4.34
CA SER A 184 10.54 13.59 4.35
C SER A 184 9.75 13.09 5.54
C SER A 184 9.76 13.09 5.55
N GLU A 185 8.45 12.88 5.37
CA GLU A 185 7.64 12.31 6.44
C GLU A 185 8.23 10.98 6.90
N ALA A 186 8.47 10.08 5.95
CA ALA A 186 8.93 8.75 6.34
C ALA A 186 10.34 8.78 6.92
N SER A 187 11.17 9.71 6.43
CA SER A 187 12.54 9.78 6.93
C SER A 187 12.59 10.37 8.33
N SER A 188 11.75 11.36 8.62
CA SER A 188 11.62 11.86 9.98
C SER A 188 11.20 10.72 10.92
N LEU A 189 10.18 9.97 10.52
CA LEU A 189 9.68 8.89 11.36
C LEU A 189 10.72 7.78 11.51
N ALA A 190 11.39 7.40 10.42
CA ALA A 190 12.38 6.33 10.51
C ALA A 190 13.53 6.70 11.43
N GLY A 191 13.95 7.97 11.40
CA GLY A 191 14.96 8.42 12.34
C GLY A 191 14.48 8.34 13.76
N HIS A 192 13.25 8.81 14.00
CA HIS A 192 12.67 8.70 15.33
C HIS A 192 12.64 7.26 15.82
N LEU A 193 12.30 6.32 14.92
CA LEU A 193 12.16 4.91 15.26
C LEU A 193 13.49 4.17 15.31
N GLN A 194 14.60 4.85 15.03
CA GLN A 194 15.95 4.29 15.21
C GLN A 194 16.14 3.01 14.40
N LEU A 195 15.66 3.03 13.15
CA LEU A 195 15.61 1.82 12.31
C LEU A 195 16.97 1.53 11.70
N GLY A 196 17.83 0.90 12.50
CA GLY A 196 19.21 0.67 12.13
C GLY A 196 19.44 -0.36 11.06
N ASN A 197 18.42 -1.14 10.68
CA ASN A 197 18.61 -2.09 9.58
C ASN A 197 18.18 -1.52 8.23
N LEU A 198 17.83 -0.24 8.19
CA LEU A 198 17.55 0.48 6.95
C LEU A 198 18.81 1.18 6.47
N ILE A 199 19.17 0.94 5.22
CA ILE A 199 20.34 1.53 4.59
C ILE A 199 19.88 2.04 3.24
N ALA A 200 19.81 3.36 3.09
CA ALA A 200 19.38 4.00 1.86
C ALA A 200 20.58 4.62 1.16
N PHE A 201 20.49 4.71 -0.17
CA PHE A 201 21.56 5.21 -1.01
C PHE A 201 20.96 6.29 -1.91
N TRP A 202 21.47 7.50 -1.78
CA TRP A 202 21.06 8.63 -2.59
C TRP A 202 21.96 8.73 -3.81
N ASP A 203 21.35 8.66 -4.99
CA ASP A 203 22.03 8.87 -6.26
C ASP A 203 22.22 10.39 -6.43
N ASP A 204 23.36 10.87 -5.95
CA ASP A 204 23.65 12.30 -5.94
C ASP A 204 24.32 12.65 -7.26
N ASN A 205 23.50 12.85 -8.29
CA ASN A 205 23.97 13.12 -9.63
C ASN A 205 23.64 14.52 -10.12
N LYS A 206 22.94 15.32 -9.31
CA LYS A 206 22.69 16.74 -9.55
C LYS A 206 21.92 17.04 -10.83
N ILE A 207 21.16 16.07 -11.33
CA ILE A 207 20.41 16.22 -12.58
C ILE A 207 19.01 15.65 -12.38
N SER A 208 17.99 16.43 -12.76
CA SER A 208 16.63 15.91 -12.85
C SER A 208 16.07 16.30 -14.22
N ILE A 209 14.76 16.15 -14.43
CA ILE A 209 14.24 16.39 -15.77
C ILE A 209 14.41 17.84 -16.21
N ASP A 210 14.23 18.77 -15.29
CA ASP A 210 14.35 20.20 -15.63
C ASP A 210 15.79 20.68 -15.68
N GLY A 211 16.76 19.78 -15.56
CA GLY A 211 18.16 20.14 -15.66
C GLY A 211 18.90 20.02 -14.36
N SER A 212 19.82 20.94 -14.13
CA SER A 212 20.59 20.91 -12.89
C SER A 212 19.68 21.04 -11.67
N THR A 213 20.03 20.32 -10.60
CA THR A 213 19.32 20.55 -9.34
C THR A 213 19.54 21.96 -8.81
N GLU A 214 20.51 22.71 -9.33
CA GLU A 214 20.67 24.10 -8.92
C GLU A 214 19.42 24.92 -9.20
N VAL A 215 18.54 24.48 -10.11
CA VAL A 215 17.38 25.30 -10.45
C VAL A 215 16.26 25.19 -9.43
N ALA A 216 16.24 24.16 -8.58
CA ALA A 216 15.09 23.96 -7.71
C ALA A 216 15.39 23.20 -6.43
N PHE A 217 16.61 22.68 -6.25
CA PHE A 217 16.87 21.70 -5.18
C PHE A 217 18.29 21.94 -4.67
N THR A 218 18.44 23.02 -3.89
CA THR A 218 19.73 23.49 -3.40
C THR A 218 19.90 23.30 -1.89
N GLU A 219 18.94 22.66 -1.24
CA GLU A 219 19.03 22.37 0.18
C GLU A 219 20.23 21.47 0.46
N ASP A 220 20.67 21.51 1.71
CA ASP A 220 21.73 20.62 2.21
C ASP A 220 21.06 19.33 2.70
N VAL A 221 20.95 18.38 1.77
CA VAL A 221 20.28 17.10 2.03
C VAL A 221 20.91 16.39 3.23
N ILE A 222 22.24 16.36 3.27
CA ILE A 222 22.93 15.65 4.34
C ILE A 222 22.61 16.27 5.69
N ALA A 223 22.63 17.59 5.77
CA ALA A 223 22.28 18.26 7.02
C ALA A 223 20.84 17.95 7.41
N ARG A 224 19.93 17.88 6.42
CA ARG A 224 18.56 17.53 6.74
C ARG A 224 18.46 16.10 7.30
N TYR A 225 19.15 15.16 6.67
CA TYR A 225 19.08 13.80 7.18
C TYR A 225 19.72 13.67 8.57
N LYS A 226 20.78 14.42 8.85
CA LYS A 226 21.29 14.44 10.21
C LYS A 226 20.23 14.95 11.19
N SER A 227 19.44 15.94 10.77
CA SER A 227 18.44 16.51 11.66
C SER A 227 17.35 15.49 12.00
N TYR A 228 17.13 14.50 11.13
CA TYR A 228 16.17 13.44 11.41
C TYR A 228 16.75 12.35 12.30
N GLY A 229 18.05 12.39 12.60
CA GLY A 229 18.68 11.32 13.34
C GLY A 229 19.22 10.18 12.52
N TRP A 230 19.48 10.40 11.24
CA TRP A 230 20.12 9.39 10.41
C TRP A 230 21.63 9.49 10.53
N HIS A 231 22.28 8.34 10.33
CA HIS A 231 23.72 8.29 10.12
C HIS A 231 24.01 8.53 8.64
N ILE A 232 25.16 9.13 8.35
CA ILE A 232 25.54 9.48 6.98
C ILE A 232 26.87 8.82 6.66
N VAL A 233 26.98 8.26 5.45
CA VAL A 233 28.26 7.92 4.85
C VAL A 233 28.31 8.57 3.48
N GLU A 234 29.41 9.22 3.14
CA GLU A 234 29.54 9.84 1.83
C GLU A 234 30.58 9.09 1.00
N VAL A 235 30.21 8.74 -0.23
CA VAL A 235 31.09 8.09 -1.19
C VAL A 235 31.31 9.08 -2.33
N SER A 236 32.48 9.70 -2.37
N SER A 236 32.49 9.69 -2.34
CA SER A 236 32.71 10.79 -3.29
CA SER A 236 32.78 10.78 -3.27
C SER A 236 32.92 10.35 -4.72
C SER A 236 32.81 10.30 -4.72
N ASP A 237 33.35 9.12 -4.95
CA ASP A 237 33.57 8.63 -6.31
C ASP A 237 32.76 7.36 -6.56
N ALA A 238 31.43 7.47 -6.53
CA ALA A 238 30.60 6.28 -6.67
C ALA A 238 30.49 5.80 -8.11
N ASP A 239 31.10 6.50 -9.07
CA ASP A 239 31.19 5.98 -10.43
C ASP A 239 32.13 4.78 -10.52
N THR A 240 33.08 4.65 -9.60
CA THR A 240 34.09 3.59 -9.65
C THR A 240 34.35 2.91 -8.31
N ASP A 241 34.13 3.56 -7.17
CA ASP A 241 34.71 3.11 -5.90
C ASP A 241 33.79 2.13 -5.18
N ILE A 242 33.73 0.91 -5.72
CA ILE A 242 32.92 -0.12 -5.09
C ILE A 242 33.49 -0.56 -3.75
N THR A 243 34.81 -0.41 -3.56
CA THR A 243 35.38 -0.69 -2.24
C THR A 243 34.76 0.22 -1.19
N ALA A 244 34.63 1.51 -1.51
CA ALA A 244 34.03 2.46 -0.58
C ALA A 244 32.54 2.22 -0.40
N ILE A 245 31.85 1.77 -1.44
CA ILE A 245 30.42 1.47 -1.29
C ILE A 245 30.23 0.29 -0.34
N ALA A 246 31.02 -0.77 -0.54
CA ALA A 246 30.97 -1.92 0.37
C ALA A 246 31.32 -1.51 1.78
N ALA A 247 32.35 -0.66 1.95
CA ALA A 247 32.72 -0.21 3.28
C ALA A 247 31.62 0.62 3.92
N ALA A 248 30.89 1.40 3.11
CA ALA A 248 29.77 2.19 3.64
C ALA A 248 28.69 1.29 4.20
N ILE A 249 28.42 0.16 3.53
CA ILE A 249 27.46 -0.81 4.04
C ILE A 249 27.94 -1.40 5.35
N ASP A 250 29.22 -1.78 5.42
CA ASP A 250 29.76 -2.29 6.68
C ASP A 250 29.62 -1.27 7.80
N GLU A 251 29.91 0.00 7.49
CA GLU A 251 29.80 1.05 8.49
C GLU A 251 28.36 1.21 8.94
N ALA A 252 27.42 1.22 7.99
CA ALA A 252 26.01 1.34 8.32
C ALA A 252 25.55 0.20 9.24
N LYS A 253 26.06 -1.01 9.01
CA LYS A 253 25.64 -2.14 9.84
C LYS A 253 26.13 -2.01 11.27
N LYS A 254 27.20 -1.26 11.51
CA LYS A 254 27.66 -1.06 12.87
C LYS A 254 26.82 -0.06 13.65
N VAL A 255 26.05 0.79 12.95
CA VAL A 255 25.24 1.81 13.59
C VAL A 255 23.83 1.22 13.72
N THR A 256 23.58 0.58 14.86
CA THR A 256 22.38 -0.23 15.01
C THR A 256 21.16 0.58 15.42
N ASN A 257 21.33 1.85 15.80
CA ASN A 257 20.24 2.66 16.30
C ASN A 257 19.92 3.85 15.41
N LYS A 258 20.41 3.87 14.17
CA LYS A 258 20.05 4.93 13.23
C LYS A 258 19.93 4.32 11.84
N PRO A 259 18.92 4.71 11.06
CA PRO A 259 18.97 4.41 9.63
C PRO A 259 20.11 5.20 9.01
N THR A 260 20.69 4.67 7.93
CA THR A 260 21.84 5.29 7.29
C THR A 260 21.49 5.74 5.88
N LEU A 261 21.94 6.95 5.53
CA LEU A 261 21.91 7.45 4.17
C LEU A 261 23.34 7.47 3.64
N VAL A 262 23.55 6.74 2.55
CA VAL A 262 24.82 6.72 1.84
C VAL A 262 24.71 7.65 0.64
N ARG A 263 25.49 8.71 0.63
CA ARG A 263 25.52 9.65 -0.48
C ARG A 263 26.43 9.10 -1.55
N LEU A 264 25.86 8.71 -2.69
CA LEU A 264 26.63 8.19 -3.82
C LEU A 264 26.79 9.31 -4.83
N THR A 265 27.95 9.93 -4.87
CA THR A 265 28.16 10.97 -5.85
C THR A 265 28.50 10.31 -7.19
N THR A 266 27.58 10.41 -8.14
CA THR A 266 27.68 9.73 -9.42
C THR A 266 27.52 10.73 -10.54
N THR A 267 27.87 10.27 -11.73
CA THR A 267 27.59 10.98 -12.97
C THR A 267 26.41 10.29 -13.64
N ILE A 268 25.31 11.02 -13.83
CA ILE A 268 24.19 10.42 -14.53
C ILE A 268 24.65 10.00 -15.93
N GLY A 269 24.26 8.80 -16.35
CA GLY A 269 24.69 8.35 -17.65
C GLY A 269 26.17 8.08 -17.79
N PHE A 270 26.86 7.79 -16.68
CA PHE A 270 28.30 7.59 -16.70
C PHE A 270 28.73 6.74 -17.88
N GLY A 271 29.68 7.28 -18.64
CA GLY A 271 30.25 6.63 -19.78
C GLY A 271 29.68 7.12 -21.10
N SER A 272 28.43 7.56 -21.09
CA SER A 272 27.82 8.08 -22.30
C SER A 272 28.49 9.38 -22.74
N LEU A 273 28.46 9.60 -24.06
CA LEU A 273 28.84 10.91 -24.58
C LEU A 273 28.05 12.03 -23.94
N ALA A 274 26.81 11.71 -23.55
CA ALA A 274 25.87 12.64 -22.95
C ALA A 274 25.82 12.54 -21.43
N GLN A 275 26.82 11.91 -20.81
CA GLN A 275 26.82 11.80 -19.35
C GLN A 275 26.74 13.19 -18.73
N GLY A 276 26.11 13.26 -17.57
CA GLY A 276 26.05 14.51 -16.84
C GLY A 276 25.09 15.53 -17.42
N THR A 277 24.11 15.09 -18.22
CA THR A 277 23.14 15.98 -18.83
C THR A 277 21.73 15.42 -18.61
N HIS A 278 20.74 16.33 -18.63
CA HIS A 278 19.37 15.88 -18.47
C HIS A 278 18.92 15.00 -19.63
N GLY A 279 19.53 15.14 -20.80
CA GLY A 279 19.12 14.36 -21.95
C GLY A 279 19.32 12.87 -21.78
N VAL A 280 20.24 12.47 -20.90
CA VAL A 280 20.51 11.05 -20.65
C VAL A 280 19.57 10.47 -19.60
N HIS A 281 18.76 11.30 -18.95
CA HIS A 281 17.87 10.80 -17.91
C HIS A 281 16.83 9.84 -18.46
N GLY A 282 16.18 10.22 -19.57
CA GLY A 282 14.88 9.64 -19.87
C GLY A 282 14.58 9.32 -21.32
N ALA A 283 15.61 9.15 -22.13
CA ALA A 283 15.43 8.78 -23.52
C ALA A 283 16.55 7.84 -23.92
N PRO A 284 16.31 6.99 -24.92
CA PRO A 284 17.36 6.09 -25.39
C PRO A 284 18.60 6.83 -25.86
N LEU A 285 19.75 6.21 -25.65
CA LEU A 285 21.01 6.74 -26.16
C LEU A 285 21.06 6.64 -27.69
N LYS A 286 21.91 7.45 -28.29
CA LYS A 286 22.16 7.32 -29.71
C LYS A 286 22.97 6.04 -29.99
N ALA A 287 22.76 5.47 -31.17
CA ALA A 287 23.43 4.21 -31.49
C ALA A 287 24.95 4.32 -31.45
N ASP A 288 25.50 5.46 -31.91
CA ASP A 288 26.96 5.63 -31.89
C ASP A 288 27.49 5.76 -30.47
N ASP A 289 26.68 6.33 -29.57
CA ASP A 289 27.03 6.40 -28.16
C ASP A 289 27.14 5.01 -27.57
N ILE A 290 26.17 4.14 -27.88
CA ILE A 290 26.21 2.77 -27.37
C ILE A 290 27.46 2.04 -27.89
N LYS A 291 27.83 2.28 -29.16
CA LYS A 291 29.03 1.63 -29.69
C LYS A 291 30.27 2.03 -28.91
N GLN A 292 30.44 3.33 -28.62
CA GLN A 292 31.64 3.75 -27.91
C GLN A 292 31.64 3.28 -26.46
N LEU A 293 30.45 3.16 -25.83
CA LEU A 293 30.38 2.56 -24.50
C LEU A 293 30.93 1.15 -24.53
N LYS A 294 30.48 0.36 -25.51
CA LYS A 294 30.90 -1.02 -25.57
C LYS A 294 32.40 -1.14 -25.78
N THR A 295 32.96 -0.36 -26.70
CA THR A 295 34.38 -0.52 -26.93
C THR A 295 35.22 -0.02 -25.76
N LYS A 296 34.79 1.06 -25.10
CA LYS A 296 35.53 1.58 -23.96
C LYS A 296 35.61 0.56 -22.83
N TRP A 297 34.62 -0.32 -22.74
CA TRP A 297 34.52 -1.29 -21.67
C TRP A 297 34.87 -2.70 -22.11
N GLY A 298 35.38 -2.87 -23.33
CA GLY A 298 35.86 -4.17 -23.76
C GLY A 298 34.81 -5.10 -24.30
N PHE A 299 33.63 -4.59 -24.65
CA PHE A 299 32.55 -5.36 -25.23
C PHE A 299 32.52 -5.17 -26.73
N ASN A 300 31.80 -6.05 -27.40
CA ASN A 300 31.69 -6.02 -28.85
C ASN A 300 30.61 -5.01 -29.23
N PRO A 301 30.94 -3.92 -29.93
CA PRO A 301 29.92 -2.92 -30.27
C PRO A 301 28.85 -3.44 -31.22
N GLU A 302 29.09 -4.58 -31.87
CA GLU A 302 28.11 -5.21 -32.73
C GLU A 302 27.15 -6.12 -31.97
N GLU A 303 27.36 -6.33 -30.67
CA GLU A 303 26.57 -7.29 -29.91
C GLU A 303 25.70 -6.56 -28.90
N SER A 304 24.48 -7.05 -28.72
N SER A 304 24.48 -7.03 -28.74
CA SER A 304 23.61 -6.55 -27.68
CA SER A 304 23.58 -6.56 -27.69
C SER A 304 23.20 -7.66 -26.73
C SER A 304 23.29 -7.68 -26.70
N PHE A 305 22.90 -7.27 -25.49
CA PHE A 305 22.49 -8.19 -24.44
C PHE A 305 23.56 -9.23 -24.10
N ALA A 306 24.82 -8.82 -24.14
CA ALA A 306 25.91 -9.73 -23.80
C ALA A 306 25.93 -10.04 -22.32
N VAL A 307 26.14 -11.31 -21.99
CA VAL A 307 26.32 -11.73 -20.60
C VAL A 307 27.58 -12.59 -20.53
N PRO A 308 28.72 -12.01 -20.19
CA PRO A 308 29.95 -12.80 -20.10
C PRO A 308 29.81 -13.93 -19.09
N ALA A 309 30.29 -15.11 -19.48
CA ALA A 309 30.13 -16.27 -18.60
C ALA A 309 30.87 -16.11 -17.29
N GLU A 310 31.96 -15.33 -17.27
CA GLU A 310 32.65 -15.12 -16.00
C GLU A 310 31.79 -14.32 -15.02
N VAL A 311 30.97 -13.40 -15.53
CA VAL A 311 30.07 -12.66 -14.67
C VAL A 311 29.01 -13.58 -14.09
N THR A 312 28.40 -14.41 -14.95
CA THR A 312 27.46 -15.41 -14.48
C THR A 312 28.08 -16.30 -13.41
N ALA A 313 29.33 -16.74 -13.63
CA ALA A 313 29.98 -17.59 -12.65
C ALA A 313 30.14 -16.90 -11.31
N SER A 314 30.59 -15.65 -11.33
CA SER A 314 30.80 -14.91 -10.10
C SER A 314 29.48 -14.71 -9.36
N TYR A 315 28.43 -14.35 -10.09
CA TYR A 315 27.14 -14.13 -9.47
C TYR A 315 26.56 -15.44 -8.95
N ASN A 316 26.76 -16.53 -9.71
CA ASN A 316 26.30 -17.85 -9.26
C ASN A 316 26.97 -18.26 -7.95
N GLU A 317 28.25 -17.92 -7.77
CA GLU A 317 28.92 -18.26 -6.51
C GLU A 317 28.21 -17.61 -5.33
N HIS A 318 27.84 -16.35 -5.50
CA HIS A 318 27.15 -15.64 -4.43
C HIS A 318 25.77 -16.24 -4.19
N VAL A 319 25.04 -16.60 -5.25
CA VAL A 319 23.75 -17.27 -5.08
C VAL A 319 23.93 -18.57 -4.32
N ALA A 320 24.92 -19.37 -4.68
CA ALA A 320 25.12 -20.65 -4.02
C ALA A 320 25.41 -20.46 -2.53
N GLU A 321 26.23 -19.46 -2.20
CA GLU A 321 26.49 -19.16 -0.79
C GLU A 321 25.21 -18.72 -0.08
N ASN A 322 24.41 -17.87 -0.72
CA ASN A 322 23.16 -17.44 -0.13
C ASN A 322 22.21 -18.61 0.09
N GLN A 323 22.19 -19.56 -0.85
CA GLN A 323 21.30 -20.70 -0.71
C GLN A 323 21.74 -21.59 0.45
N LYS A 324 23.05 -21.70 0.69
CA LYS A 324 23.50 -22.42 1.87
C LYS A 324 23.13 -21.69 3.15
N ILE A 325 23.14 -20.35 3.12
CA ILE A 325 22.66 -19.58 4.27
C ILE A 325 21.18 -19.84 4.52
N GLN A 326 20.36 -19.85 3.46
CA GLN A 326 18.95 -20.16 3.67
C GLN A 326 18.76 -21.59 4.14
N GLN A 327 19.54 -22.54 3.62
CA GLN A 327 19.46 -23.92 4.09
C GLN A 327 19.69 -24.00 5.59
N GLN A 328 20.70 -23.28 6.08
CA GLN A 328 20.97 -23.27 7.50
C GLN A 328 19.87 -22.57 8.28
N TRP A 329 19.30 -21.50 7.71
CA TRP A 329 18.14 -20.85 8.33
C TRP A 329 16.98 -21.81 8.48
N ASN A 330 16.74 -22.64 7.46
CA ASN A 330 15.66 -23.60 7.57
C ASN A 330 15.91 -24.57 8.73
N GLU A 331 17.16 -24.96 8.94
CA GLU A 331 17.46 -25.82 10.08
C GLU A 331 17.32 -25.09 11.40
N LEU A 332 17.71 -23.81 11.44
CA LEU A 332 17.49 -22.99 12.62
C LEU A 332 16.01 -22.91 12.96
N PHE A 333 15.17 -22.72 11.93
CA PHE A 333 13.73 -22.64 12.13
C PHE A 333 13.19 -23.96 12.66
N ALA A 334 13.66 -25.08 12.12
CA ALA A 334 13.23 -26.37 12.66
C ALA A 334 13.61 -26.51 14.13
N ALA A 335 14.83 -26.12 14.49
CA ALA A 335 15.25 -26.19 15.88
C ALA A 335 14.46 -25.24 16.75
N TYR A 336 14.09 -24.07 16.21
CA TYR A 336 13.26 -23.12 16.92
C TYR A 336 11.91 -23.71 17.26
N LYS A 337 11.31 -24.44 16.31
CA LYS A 337 10.02 -25.07 16.55
C LYS A 337 10.10 -26.10 17.67
N GLN A 338 11.25 -26.76 17.85
CA GLN A 338 11.38 -27.65 19.00
C GLN A 338 11.60 -26.89 20.30
N LYS A 339 12.43 -25.85 20.28
CA LYS A 339 12.75 -25.14 21.52
C LYS A 339 11.59 -24.26 21.99
N TYR A 340 10.84 -23.68 21.05
CA TYR A 340 9.76 -22.73 21.33
C TYR A 340 8.53 -23.22 20.59
N PRO A 341 7.86 -24.25 21.11
CA PRO A 341 6.81 -24.89 20.31
C PRO A 341 5.65 -23.98 19.92
N GLU A 342 5.21 -23.13 20.85
CA GLU A 342 4.08 -22.23 20.59
C GLU A 342 4.45 -21.17 19.56
N LEU A 343 5.57 -20.47 19.78
CA LEU A 343 5.99 -19.44 18.84
C LEU A 343 6.33 -20.04 17.49
N GLY A 344 6.94 -21.23 17.49
CA GLY A 344 7.28 -21.87 16.23
C GLY A 344 6.07 -22.19 15.39
N ALA A 345 5.00 -22.68 16.03
CA ALA A 345 3.79 -22.99 15.28
C ALA A 345 3.12 -21.72 14.77
N GLU A 346 3.14 -20.65 15.58
CA GLU A 346 2.59 -19.37 15.15
C GLU A 346 3.36 -18.84 13.94
N LEU A 347 4.68 -18.89 14.02
CA LEU A 347 5.50 -18.44 12.91
C LEU A 347 5.24 -19.27 11.65
N GLN A 348 5.16 -20.60 11.80
CA GLN A 348 4.87 -21.44 10.64
C GLN A 348 3.54 -21.08 10.00
N ARG A 349 2.51 -20.90 10.82
CA ARG A 349 1.19 -20.53 10.31
C ARG A 349 1.26 -19.24 9.51
N ARG A 350 1.96 -18.24 10.04
CA ARG A 350 2.08 -16.97 9.35
C ARG A 350 2.84 -17.10 8.05
N LEU A 351 3.91 -17.89 8.02
CA LEU A 351 4.65 -18.08 6.77
C LEU A 351 3.86 -18.87 5.75
N ASP A 352 2.88 -19.65 6.19
CA ASP A 352 1.95 -20.33 5.31
C ASP A 352 0.83 -19.43 4.82
N GLY A 353 0.75 -18.19 5.32
CA GLY A 353 -0.28 -17.26 4.89
C GLY A 353 -1.64 -17.49 5.48
N LYS A 354 -1.72 -18.20 6.62
CA LYS A 354 -2.99 -18.58 7.22
C LYS A 354 -3.22 -17.81 8.50
N LEU A 355 -4.44 -17.31 8.67
CA LEU A 355 -4.86 -16.73 9.93
C LEU A 355 -5.13 -17.83 10.96
N PRO A 356 -5.18 -17.49 12.25
CA PRO A 356 -5.50 -18.51 13.25
C PRO A 356 -6.85 -19.14 12.96
N GLU A 357 -6.93 -20.44 13.23
CA GLU A 357 -8.19 -21.16 13.04
C GLU A 357 -9.29 -20.50 13.85
N ASN A 358 -10.40 -20.21 13.18
CA ASN A 358 -11.59 -19.68 13.83
C ASN A 358 -11.34 -18.33 14.52
N TRP A 359 -10.35 -17.57 14.02
CA TRP A 359 -10.07 -16.26 14.62
C TRP A 359 -11.30 -15.38 14.62
N ASP A 360 -12.17 -15.54 13.62
CA ASP A 360 -13.32 -14.66 13.45
C ASP A 360 -14.38 -14.88 14.52
N LYS A 361 -14.28 -15.94 15.32
CA LYS A 361 -15.18 -16.09 16.46
C LYS A 361 -14.99 -14.98 17.48
N ALA A 362 -13.87 -14.26 17.43
CA ALA A 362 -13.67 -13.11 18.30
C ALA A 362 -14.40 -11.86 17.83
N LEU A 363 -14.90 -11.83 16.61
CA LEU A 363 -15.58 -10.64 16.13
C LEU A 363 -16.86 -10.39 16.94
N PRO A 364 -17.08 -9.17 17.41
CA PRO A 364 -18.31 -8.88 18.16
C PRO A 364 -19.54 -8.98 17.29
N VAL A 365 -20.62 -9.46 17.92
CA VAL A 365 -21.93 -9.60 17.28
C VAL A 365 -22.95 -8.83 18.11
N TYR A 366 -23.88 -8.19 17.42
CA TYR A 366 -24.86 -7.31 18.04
C TYR A 366 -26.27 -7.73 17.65
N THR A 367 -27.23 -7.31 18.47
CA THR A 367 -28.63 -7.51 18.15
C THR A 367 -29.31 -6.16 18.09
N PRO A 368 -30.54 -6.10 17.55
CA PRO A 368 -31.24 -4.82 17.51
C PRO A 368 -31.61 -4.27 18.88
N ALA A 369 -31.51 -5.07 19.95
CA ALA A 369 -31.77 -4.57 21.30
C ALA A 369 -30.58 -3.84 21.89
N ASP A 370 -29.42 -3.93 21.27
CA ASP A 370 -28.23 -3.29 21.79
C ASP A 370 -28.26 -1.79 21.51
N ALA A 371 -27.47 -1.05 22.29
CA ALA A 371 -27.46 0.40 22.21
C ALA A 371 -26.83 0.89 20.91
N ALA A 372 -27.19 2.12 20.55
CA ALA A 372 -26.55 2.79 19.43
C ALA A 372 -25.09 3.08 19.76
N VAL A 373 -24.22 2.95 18.75
CA VAL A 373 -22.77 3.11 18.88
C VAL A 373 -22.26 3.73 17.59
N ALA A 374 -21.30 4.64 17.69
CA ALA A 374 -20.63 5.17 16.49
C ALA A 374 -19.80 4.06 15.87
N THR A 375 -19.71 4.04 14.55
CA THR A 375 -18.90 2.98 13.97
C THR A 375 -17.40 3.15 14.27
N ARG A 376 -16.92 4.35 14.60
CA ARG A 376 -15.53 4.45 15.07
C ARG A 376 -15.34 3.69 16.38
N LYS A 377 -16.35 3.73 17.26
CA LYS A 377 -16.25 3.03 18.53
C LYS A 377 -16.44 1.52 18.33
N LEU A 378 -17.35 1.13 17.43
CA LEU A 378 -17.46 -0.28 17.09
C LEU A 378 -16.14 -0.82 16.57
N SER A 379 -15.45 -0.02 15.76
CA SER A 379 -14.12 -0.39 15.26
C SER A 379 -13.14 -0.60 16.42
N GLU A 380 -13.09 0.35 17.37
CA GLU A 380 -12.24 0.16 18.56
C GLU A 380 -12.53 -1.16 19.24
N ILE A 381 -13.81 -1.49 19.40
CA ILE A 381 -14.19 -2.72 20.08
C ILE A 381 -13.72 -3.93 19.28
N VAL A 382 -13.91 -3.92 17.95
CA VAL A 382 -13.39 -5.02 17.12
C VAL A 382 -11.89 -5.20 17.34
N LEU A 383 -11.14 -4.10 17.20
CA LEU A 383 -9.70 -4.18 17.35
C LEU A 383 -9.32 -4.74 18.71
N SER A 384 -10.05 -4.32 19.75
N SER A 384 -10.04 -4.34 19.76
CA SER A 384 -9.80 -4.79 21.12
CA SER A 384 -9.70 -4.82 21.10
C SER A 384 -9.96 -6.29 21.24
C SER A 384 -9.96 -6.32 21.26
N LYS A 385 -10.87 -6.88 20.47
CA LYS A 385 -11.11 -8.32 20.52
C LYS A 385 -10.17 -9.10 19.63
N ILE A 386 -9.79 -8.56 18.47
CA ILE A 386 -9.05 -9.35 17.50
C ILE A 386 -7.53 -9.21 17.63
N ILE A 387 -7.05 -8.06 18.10
CA ILE A 387 -5.61 -7.89 18.30
C ILE A 387 -5.02 -8.96 19.21
N PRO A 388 -5.64 -9.29 20.36
CA PRO A 388 -5.07 -10.36 21.19
C PRO A 388 -5.12 -11.73 20.54
N GLU A 389 -5.97 -11.92 19.53
CA GLU A 389 -6.15 -13.22 18.91
C GLU A 389 -5.33 -13.41 17.65
N VAL A 390 -4.87 -12.32 17.04
CA VAL A 390 -4.23 -12.37 15.73
C VAL A 390 -2.94 -11.57 15.82
N PRO A 391 -1.80 -12.22 16.11
CA PRO A 391 -0.57 -11.47 16.41
C PRO A 391 -0.04 -10.69 15.22
N GLU A 392 -0.39 -11.09 14.00
CA GLU A 392 0.08 -10.39 12.82
C GLU A 392 -0.67 -9.09 12.54
N ILE A 393 -1.64 -8.72 13.36
CA ILE A 393 -2.24 -7.38 13.25
C ILE A 393 -1.36 -6.39 14.00
N ILE A 394 -0.90 -5.36 13.30
CA ILE A 394 -0.31 -4.17 13.90
C ILE A 394 -0.89 -2.97 13.18
N GLY A 395 -0.80 -1.80 13.78
CA GLY A 395 -1.31 -0.62 13.09
C GLY A 395 -1.08 0.62 13.91
N GLY A 396 -1.64 1.73 13.44
CA GLY A 396 -1.41 2.99 14.12
C GLY A 396 -2.36 4.06 13.62
N SER A 397 -2.02 5.30 13.96
CA SER A 397 -2.80 6.46 13.55
C SER A 397 -1.86 7.61 13.27
N ALA A 398 -2.30 8.48 12.38
CA ALA A 398 -1.60 9.72 12.04
C ALA A 398 -2.01 10.84 12.99
N ASP A 399 -1.54 10.73 14.25
CA ASP A 399 -1.82 11.71 15.30
C ASP A 399 -3.31 11.87 15.60
N LEU A 400 -4.09 10.80 15.44
CA LEU A 400 -5.52 10.86 15.72
C LEU A 400 -5.96 9.69 16.58
N THR A 401 -5.07 9.16 17.41
CA THR A 401 -5.40 7.98 18.19
C THR A 401 -6.66 8.12 19.04
N PRO A 402 -6.86 9.20 19.80
CA PRO A 402 -8.08 9.30 20.62
C PRO A 402 -9.31 9.70 19.82
N SER A 403 -9.17 10.02 18.54
CA SER A 403 -10.30 10.34 17.69
C SER A 403 -10.69 9.18 16.80
N ASN A 404 -9.71 8.50 16.22
CA ASN A 404 -9.97 7.32 15.40
C ASN A 404 -10.28 6.09 16.26
N LEU A 405 -9.78 6.07 17.50
CA LEU A 405 -9.99 4.96 18.44
C LEU A 405 -9.33 3.67 17.96
N THR A 406 -8.06 3.81 17.55
CA THR A 406 -7.33 2.77 16.85
C THR A 406 -6.41 1.94 17.74
N LYS A 407 -6.22 2.32 19.01
CA LYS A 407 -5.33 1.59 19.89
C LYS A 407 -6.13 0.74 20.88
N ALA A 408 -5.81 -0.54 20.96
CA ALA A 408 -6.41 -1.42 21.95
C ALA A 408 -5.78 -1.17 23.31
N LYS A 409 -6.62 -0.99 24.34
CA LYS A 409 -6.11 -0.80 25.69
C LYS A 409 -5.22 -1.96 26.07
N GLY A 410 -4.12 -1.66 26.74
CA GLY A 410 -3.19 -2.67 27.21
C GLY A 410 -2.06 -3.00 26.27
N THR A 411 -2.12 -2.54 25.02
CA THR A 411 -1.01 -2.78 24.11
C THR A 411 0.06 -1.71 24.29
N VAL A 412 1.26 -2.06 23.86
CA VAL A 412 2.37 -1.12 23.93
C VAL A 412 2.70 -0.62 22.53
N ASP A 413 3.21 0.59 22.50
CA ASP A 413 3.56 1.20 21.24
C ASP A 413 4.84 0.61 20.68
N PHE A 414 4.89 0.57 19.35
CA PHE A 414 6.11 0.27 18.63
C PHE A 414 7.03 1.48 18.71
N GLN A 415 8.08 1.37 19.51
CA GLN A 415 9.10 2.40 19.68
C GLN A 415 10.40 1.69 19.99
N PRO A 416 11.54 2.29 19.70
CA PRO A 416 12.79 1.72 20.23
C PRO A 416 12.75 1.79 21.76
N ALA A 417 13.14 0.68 22.39
CA ALA A 417 13.16 0.62 23.85
C ALA A 417 14.01 1.73 24.45
N ALA A 418 15.04 2.18 23.73
CA ALA A 418 15.89 3.24 24.25
C ALA A 418 15.11 4.50 24.62
N THR A 419 13.96 4.72 23.98
CA THR A 419 13.16 5.91 24.28
C THR A 419 12.35 5.77 25.55
N GLY A 420 12.14 4.55 26.06
CA GLY A 420 11.22 4.32 27.17
C GLY A 420 9.76 4.43 26.83
N LEU A 421 9.40 4.65 25.57
CA LEU A 421 8.04 4.96 25.16
C LEU A 421 7.32 3.76 24.54
N GLY A 422 8.01 2.64 24.43
CA GLY A 422 7.48 1.46 23.78
C GLY A 422 8.60 0.45 23.62
N ASP A 423 8.38 -0.49 22.70
CA ASP A 423 9.35 -1.52 22.39
C ASP A 423 9.12 -1.96 20.96
N TYR A 424 10.15 -2.54 20.33
CA TYR A 424 9.94 -3.02 18.97
C TYR A 424 8.96 -4.18 18.92
N SER A 425 8.70 -4.86 20.05
CA SER A 425 7.65 -5.86 20.09
C SER A 425 6.26 -5.26 20.13
N GLY A 426 6.16 -3.94 20.28
CA GLY A 426 4.88 -3.28 20.36
C GLY A 426 4.09 -3.40 19.07
N ARG A 427 2.81 -3.05 19.19
CA ARG A 427 1.88 -3.29 18.11
C ARG A 427 1.15 -2.06 17.62
N TYR A 428 1.44 -0.90 18.21
CA TYR A 428 0.72 0.33 17.90
C TYR A 428 1.73 1.41 17.49
N ILE A 429 1.55 1.97 16.30
CA ILE A 429 2.51 2.89 15.70
C ILE A 429 1.96 4.32 15.77
N ARG A 430 2.77 5.21 16.34
CA ARG A 430 2.47 6.65 16.38
C ARG A 430 3.07 7.26 15.12
N TYR A 431 2.25 7.38 14.07
CA TYR A 431 2.76 7.87 12.79
C TYR A 431 3.00 9.37 12.78
N GLY A 432 2.44 10.11 13.74
CA GLY A 432 2.46 11.56 13.64
C GLY A 432 1.56 12.03 12.49
N VAL A 433 1.66 13.33 12.17
CA VAL A 433 0.75 13.94 11.19
C VAL A 433 1.33 13.72 9.79
N ARG A 434 1.25 12.46 9.34
CA ARG A 434 2.03 11.97 8.21
C ARG A 434 1.18 10.95 7.43
N GLU A 435 0.04 11.37 6.89
CA GLU A 435 -0.87 10.40 6.28
C GLU A 435 -0.23 9.72 5.08
N HIS A 436 0.43 10.49 4.22
CA HIS A 436 0.96 9.92 3.00
C HIS A 436 2.02 8.88 3.30
N ALA A 437 2.97 9.23 4.18
CA ALA A 437 3.97 8.24 4.55
C ALA A 437 3.35 7.07 5.28
N MET A 438 2.35 7.31 6.13
CA MET A 438 1.67 6.17 6.75
C MET A 438 1.16 5.21 5.69
N GLY A 439 0.53 5.74 4.64
CA GLY A 439 0.03 4.88 3.58
C GLY A 439 1.11 4.06 2.91
N ALA A 440 2.25 4.70 2.61
CA ALA A 440 3.34 4.01 1.95
C ALA A 440 4.10 3.07 2.89
N ILE A 441 4.20 3.44 4.16
CA ILE A 441 4.78 2.54 5.16
C ILE A 441 3.91 1.30 5.32
N MET A 442 2.57 1.49 5.34
CA MET A 442 1.68 0.33 5.39
C MET A 442 1.95 -0.62 4.24
N ASN A 443 2.18 -0.08 3.04
CA ASN A 443 2.48 -0.93 1.91
C ASN A 443 3.77 -1.71 2.14
N GLY A 444 4.78 -1.06 2.74
CA GLY A 444 6.00 -1.77 3.06
C GLY A 444 5.83 -2.86 4.11
N ILE A 445 5.03 -2.60 5.14
CA ILE A 445 4.75 -3.62 6.14
C ILE A 445 4.09 -4.82 5.48
N ALA A 446 3.10 -4.57 4.61
CA ALA A 446 2.49 -5.67 3.88
C ALA A 446 3.49 -6.40 3.02
N ALA A 447 4.38 -5.64 2.36
CA ALA A 447 5.37 -6.23 1.47
C ALA A 447 6.34 -7.12 2.23
N PHE A 448 6.62 -6.81 3.50
CA PHE A 448 7.51 -7.67 4.27
C PHE A 448 7.02 -9.10 4.24
N GLY A 449 5.71 -9.30 4.36
CA GLY A 449 5.11 -10.62 4.35
C GLY A 449 4.75 -11.10 5.73
N ALA A 450 4.96 -12.39 5.97
CA ALA A 450 4.66 -13.00 7.27
C ALA A 450 3.21 -12.75 7.69
N ASN A 451 2.32 -12.63 6.72
CA ASN A 451 0.89 -12.46 6.97
C ASN A 451 0.54 -11.17 7.69
N TYR A 452 1.42 -10.16 7.71
CA TYR A 452 1.06 -8.92 8.40
C TYR A 452 -0.23 -8.35 7.84
N LYS A 453 -1.14 -8.01 8.74
CA LYS A 453 -2.43 -7.37 8.43
C LYS A 453 -2.38 -6.04 9.16
N ASN A 454 -2.01 -4.97 8.45
CA ASN A 454 -1.72 -3.73 9.14
C ASN A 454 -2.66 -2.61 8.73
N TYR A 455 -2.84 -1.67 9.65
CA TYR A 455 -3.86 -0.64 9.50
C TYR A 455 -3.33 0.73 9.91
N GLY A 456 -4.03 1.75 9.44
CA GLY A 456 -3.65 3.12 9.70
C GLY A 456 -4.87 3.99 9.79
N GLY A 457 -4.96 4.77 10.87
CA GLY A 457 -6.10 5.64 11.13
C GLY A 457 -5.86 7.09 10.77
N THR A 458 -6.87 7.70 10.16
CA THR A 458 -6.96 9.15 10.05
C THR A 458 -8.43 9.48 9.82
N PHE A 459 -8.73 10.78 9.71
CA PHE A 459 -10.05 11.17 9.24
C PHE A 459 -10.18 10.83 7.77
N LEU A 460 -11.36 10.38 7.36
CA LEU A 460 -11.57 10.00 5.96
C LEU A 460 -11.12 11.10 4.99
N ASN A 461 -11.42 12.36 5.31
CA ASN A 461 -11.08 13.43 4.37
C ASN A 461 -9.59 13.56 4.13
N PHE A 462 -8.77 13.12 5.08
CA PHE A 462 -7.33 13.23 4.95
C PHE A 462 -6.67 11.94 4.46
N VAL A 463 -7.44 10.86 4.23
CA VAL A 463 -6.91 9.77 3.42
C VAL A 463 -6.48 10.32 2.08
N SER A 464 -7.16 11.37 1.61
CA SER A 464 -6.83 11.99 0.33
C SER A 464 -5.39 12.51 0.26
N TYR A 465 -4.82 12.91 1.41
CA TYR A 465 -3.42 13.34 1.43
C TYR A 465 -2.47 12.21 1.02
N ALA A 466 -2.94 10.97 1.13
CA ALA A 466 -2.15 9.77 0.89
C ALA A 466 -2.52 9.09 -0.41
N ALA A 467 -3.27 9.76 -1.29
CA ALA A 467 -3.74 9.13 -2.52
C ALA A 467 -2.62 8.46 -3.31
N GLY A 468 -1.43 9.07 -3.37
CA GLY A 468 -0.36 8.43 -4.14
C GLY A 468 -0.05 7.02 -3.68
N ALA A 469 -0.01 6.82 -2.37
CA ALA A 469 0.24 5.51 -1.78
C ALA A 469 -0.98 4.59 -1.84
N VAL A 470 -2.17 5.14 -1.61
CA VAL A 470 -3.38 4.32 -1.63
C VAL A 470 -3.55 3.65 -2.99
N ARG A 471 -3.34 4.42 -4.06
CA ARG A 471 -3.47 3.86 -5.38
C ARG A 471 -2.48 2.73 -5.59
N LEU A 472 -1.28 2.89 -5.05
CA LEU A 472 -0.28 1.83 -5.13
C LEU A 472 -0.66 0.63 -4.28
N SER A 473 -1.36 0.80 -3.17
CA SER A 473 -1.87 -0.38 -2.45
C SER A 473 -2.75 -1.23 -3.37
N ALA A 474 -3.59 -0.56 -4.16
CA ALA A 474 -4.50 -1.25 -5.06
C ALA A 474 -3.75 -1.92 -6.21
N LEU A 475 -2.82 -1.19 -6.83
CA LEU A 475 -2.05 -1.74 -7.94
C LEU A 475 -1.15 -2.89 -7.48
N SER A 476 -0.61 -2.77 -6.27
CA SER A 476 0.32 -3.76 -5.71
C SER A 476 -0.38 -4.94 -5.07
N GLU A 477 -1.69 -4.84 -4.91
CA GLU A 477 -2.50 -5.91 -4.33
C GLU A 477 -2.11 -6.21 -2.89
N PHE A 478 -1.92 -5.12 -2.09
CA PHE A 478 -1.57 -5.31 -0.69
C PHE A 478 -2.79 -5.18 0.22
N PRO A 479 -2.94 -6.11 1.17
CA PRO A 479 -4.07 -6.08 2.10
C PRO A 479 -3.78 -5.18 3.30
N ILE A 480 -3.76 -3.88 3.02
CA ILE A 480 -3.65 -2.85 4.04
C ILE A 480 -5.05 -2.33 4.33
N THR A 481 -5.20 -1.66 5.48
CA THR A 481 -6.51 -1.17 5.89
C THR A 481 -6.40 0.25 6.44
N TRP A 482 -7.22 1.14 5.91
CA TRP A 482 -7.38 2.49 6.44
C TRP A 482 -8.59 2.49 7.37
N VAL A 483 -8.38 2.97 8.59
CA VAL A 483 -9.44 3.15 9.57
C VAL A 483 -9.78 4.64 9.50
N ALA A 484 -10.79 4.96 8.69
CA ALA A 484 -11.02 6.30 8.18
C ALA A 484 -12.29 6.86 8.83
N THR A 485 -12.10 7.51 9.98
CA THR A 485 -13.23 7.92 10.78
C THR A 485 -13.70 9.32 10.41
N HIS A 486 -14.80 9.74 11.02
CA HIS A 486 -15.35 11.07 10.79
C HIS A 486 -15.69 11.24 9.31
N ASP A 487 -16.55 10.33 8.85
CA ASP A 487 -16.72 10.08 7.43
C ASP A 487 -17.53 11.10 6.67
N SER A 488 -18.23 12.03 7.31
CA SER A 488 -19.20 12.84 6.58
C SER A 488 -19.48 14.12 7.35
N ILE A 489 -20.46 14.88 6.85
CA ILE A 489 -21.05 15.98 7.60
C ILE A 489 -21.48 15.59 9.01
N GLY A 490 -21.67 14.29 9.27
CA GLY A 490 -21.94 13.83 10.62
C GLY A 490 -20.89 14.21 11.65
N LEU A 491 -19.68 14.58 11.19
CA LEU A 491 -18.68 15.06 12.14
C LEU A 491 -19.02 16.44 12.70
N GLY A 492 -19.83 17.22 12.00
CA GLY A 492 -20.31 18.49 12.56
C GLY A 492 -19.36 19.67 12.47
N GLU A 493 -18.94 20.17 13.63
CA GLU A 493 -18.45 21.54 13.77
C GLU A 493 -17.14 21.82 13.05
N ASP A 494 -16.27 20.82 12.86
CA ASP A 494 -15.02 21.11 12.17
C ASP A 494 -15.27 21.63 10.76
N GLY A 495 -16.41 21.33 10.14
CA GLY A 495 -16.80 22.03 8.93
C GLY A 495 -16.26 21.48 7.64
N PRO A 496 -16.44 22.24 6.56
CA PRO A 496 -16.27 21.68 5.21
C PRO A 496 -14.85 21.31 4.85
N THR A 497 -13.84 21.89 5.53
CA THR A 497 -12.46 21.47 5.27
C THR A 497 -12.17 20.06 5.76
N HIS A 498 -13.07 19.51 6.58
CA HIS A 498 -12.91 18.19 7.17
C HIS A 498 -13.94 17.18 6.68
N GLN A 499 -15.00 17.62 5.99
CA GLN A 499 -16.14 16.77 5.66
C GLN A 499 -16.02 16.19 4.26
N PRO A 500 -15.85 14.87 4.12
CA PRO A 500 -15.74 14.25 2.80
C PRO A 500 -16.98 14.47 1.94
N ILE A 501 -16.74 14.66 0.64
CA ILE A 501 -17.77 14.73 -0.38
C ILE A 501 -17.41 13.78 -1.52
N GLU A 502 -16.21 13.94 -2.05
CA GLU A 502 -15.71 13.25 -3.22
C GLU A 502 -14.95 11.97 -2.87
N THR A 503 -14.66 11.75 -1.59
CA THR A 503 -13.59 10.83 -1.19
C THR A 503 -13.94 9.39 -1.52
N LEU A 504 -15.17 8.97 -1.18
CA LEU A 504 -15.55 7.59 -1.49
C LEU A 504 -15.63 7.36 -2.98
N ALA A 505 -16.13 8.33 -3.74
CA ALA A 505 -16.18 8.18 -5.20
C ALA A 505 -14.79 7.97 -5.77
N HIS A 506 -13.83 8.77 -5.30
CA HIS A 506 -12.44 8.66 -5.75
C HIS A 506 -11.91 7.23 -5.56
N PHE A 507 -12.05 6.71 -4.34
CA PHE A 507 -11.46 5.40 -4.06
C PHE A 507 -12.29 4.25 -4.64
N ARG A 508 -13.62 4.39 -4.70
CA ARG A 508 -14.44 3.38 -5.37
C ARG A 508 -14.15 3.32 -6.87
N ALA A 509 -13.76 4.45 -7.47
CA ALA A 509 -13.42 4.50 -8.88
C ALA A 509 -12.02 3.95 -9.16
N THR A 510 -11.24 3.76 -8.13
CA THR A 510 -9.92 3.15 -8.29
C THR A 510 -10.10 1.64 -8.32
N PRO A 511 -9.49 0.93 -9.28
CA PRO A 511 -9.61 -0.53 -9.28
C PRO A 511 -9.08 -1.12 -7.98
N ASN A 512 -9.72 -2.19 -7.53
CA ASN A 512 -9.19 -3.02 -6.45
C ASN A 512 -9.07 -2.31 -5.11
N ILE A 513 -10.08 -1.50 -4.75
CA ILE A 513 -10.19 -0.97 -3.39
C ILE A 513 -11.56 -1.31 -2.82
N SER A 514 -11.57 -2.11 -1.76
N SER A 514 -11.56 -2.01 -1.70
CA SER A 514 -12.80 -2.29 -1.00
CA SER A 514 -12.77 -2.34 -0.95
C SER A 514 -13.01 -1.07 -0.12
C SER A 514 -13.07 -1.18 0.00
N VAL A 515 -14.17 -0.47 -0.24
CA VAL A 515 -14.53 0.73 0.51
C VAL A 515 -15.76 0.40 1.34
N TRP A 516 -15.52 0.00 2.58
CA TRP A 516 -16.58 -0.40 3.50
C TRP A 516 -17.10 0.81 4.23
N ARG A 517 -18.41 0.95 4.29
CA ARG A 517 -19.06 2.03 5.03
C ARG A 517 -20.13 1.39 5.89
N PRO A 518 -19.73 0.73 6.98
CA PRO A 518 -20.67 -0.10 7.73
C PRO A 518 -21.70 0.74 8.47
N ALA A 519 -22.91 0.20 8.55
CA ALA A 519 -24.01 0.93 9.16
C ALA A 519 -24.14 0.68 10.67
N ASP A 520 -23.61 -0.43 11.17
CA ASP A 520 -23.90 -0.81 12.55
C ASP A 520 -22.85 -1.79 13.03
N GLY A 521 -23.10 -2.39 14.19
CA GLY A 521 -22.12 -3.28 14.79
C GLY A 521 -21.85 -4.52 13.95
N ASN A 522 -22.89 -5.19 13.47
CA ASN A 522 -22.64 -6.39 12.68
C ASN A 522 -21.92 -6.06 11.38
N GLU A 523 -22.30 -4.96 10.74
CA GLU A 523 -21.62 -4.60 9.49
C GLU A 523 -20.17 -4.23 9.74
N THR A 524 -19.86 -3.62 10.88
CA THR A 524 -18.48 -3.26 11.19
C THR A 524 -17.63 -4.51 11.38
N SER A 525 -18.21 -5.54 12.03
CA SER A 525 -17.50 -6.81 12.14
C SER A 525 -17.28 -7.46 10.78
N ALA A 526 -18.29 -7.41 9.89
CA ALA A 526 -18.09 -7.93 8.54
C ALA A 526 -16.99 -7.19 7.81
N ALA A 527 -16.93 -5.87 7.98
CA ALA A 527 -15.90 -5.08 7.31
C ALA A 527 -14.51 -5.50 7.75
N TYR A 528 -14.33 -5.71 9.06
CA TYR A 528 -13.04 -6.19 9.55
C TYR A 528 -12.76 -7.62 9.13
N LYS A 529 -13.78 -8.48 9.09
CA LYS A 529 -13.54 -9.83 8.60
C LYS A 529 -12.95 -9.79 7.19
N SER A 530 -13.52 -8.93 6.34
CA SER A 530 -13.01 -8.77 4.99
C SER A 530 -11.60 -8.20 4.98
N ALA A 531 -11.37 -7.16 5.78
CA ALA A 531 -10.08 -6.47 5.76
C ALA A 531 -8.95 -7.38 6.22
N ILE A 532 -9.20 -8.18 7.27
CA ILE A 532 -8.17 -9.04 7.85
C ILE A 532 -7.96 -10.29 6.99
N GLU A 533 -9.03 -10.84 6.42
CA GLU A 533 -8.89 -12.01 5.54
C GLU A 533 -8.28 -11.65 4.19
N SER A 534 -8.30 -10.39 3.82
CA SER A 534 -7.79 -9.98 2.52
C SER A 534 -6.35 -10.42 2.33
N THR A 535 -6.05 -10.86 1.12
CA THR A 535 -4.68 -11.11 0.71
C THR A 535 -4.25 -10.26 -0.48
N HIS A 536 -5.20 -9.68 -1.23
CA HIS A 536 -4.83 -8.99 -2.46
C HIS A 536 -5.57 -7.66 -2.64
N THR A 537 -6.35 -7.20 -1.66
CA THR A 537 -7.19 -6.02 -1.86
C THR A 537 -7.12 -5.09 -0.67
N PRO A 538 -6.65 -3.85 -0.86
CA PRO A 538 -6.67 -2.90 0.25
C PRO A 538 -8.10 -2.50 0.60
N HIS A 539 -8.27 -2.15 1.86
CA HIS A 539 -9.55 -1.78 2.43
C HIS A 539 -9.49 -0.37 3.00
N ILE A 540 -10.58 0.38 2.79
CA ILE A 540 -10.82 1.65 3.49
C ILE A 540 -12.13 1.45 4.25
N LEU A 541 -12.10 1.65 5.56
CA LEU A 541 -13.28 1.55 6.41
C LEU A 541 -13.70 2.96 6.78
N ALA A 542 -14.82 3.40 6.21
CA ALA A 542 -15.38 4.72 6.44
C ALA A 542 -16.31 4.65 7.64
N LEU A 543 -15.94 5.34 8.72
CA LEU A 543 -16.52 5.16 10.03
C LEU A 543 -17.03 6.49 10.57
N THR A 544 -18.06 6.44 11.42
CA THR A 544 -18.73 7.64 11.86
C THR A 544 -18.16 8.18 13.17
N ARG A 545 -18.28 9.51 13.29
CA ARG A 545 -18.16 10.14 14.60
C ARG A 545 -19.39 9.86 15.45
N GLN A 546 -20.57 9.93 14.84
CA GLN A 546 -21.84 9.94 15.55
C GLN A 546 -22.43 8.54 15.74
N ASN A 547 -23.26 8.40 16.76
CA ASN A 547 -23.87 7.10 17.08
C ASN A 547 -24.90 6.68 16.03
N LEU A 548 -24.96 5.38 15.76
CA LEU A 548 -25.95 4.80 14.86
C LEU A 548 -26.62 3.62 15.54
N PRO A 549 -27.90 3.38 15.25
CA PRO A 549 -28.60 2.25 15.89
C PRO A 549 -28.19 0.91 15.31
N GLN A 550 -28.33 -0.13 16.13
CA GLN A 550 -28.20 -1.49 15.62
C GLN A 550 -29.43 -1.82 14.77
N LEU A 551 -29.21 -2.36 13.58
CA LEU A 551 -30.29 -2.55 12.61
C LEU A 551 -30.97 -3.89 12.77
N GLU A 552 -32.30 -3.86 12.67
CA GLU A 552 -33.07 -5.10 12.49
C GLU A 552 -32.76 -5.67 11.11
N GLY A 553 -32.22 -6.88 11.06
CA GLY A 553 -31.92 -7.54 9.81
C GLY A 553 -30.45 -7.62 9.44
N SER A 554 -29.56 -6.97 10.19
CA SER A 554 -28.14 -7.06 9.87
C SER A 554 -27.53 -8.28 10.52
N SER A 555 -26.45 -8.77 9.89
CA SER A 555 -25.66 -9.86 10.44
C SER A 555 -24.29 -9.79 9.76
N ILE A 556 -23.30 -10.43 10.39
CA ILE A 556 -22.03 -10.60 9.72
C ILE A 556 -22.22 -11.38 8.43
N GLU A 557 -23.02 -12.45 8.47
CA GLU A 557 -23.23 -13.29 7.29
C GLU A 557 -23.72 -12.47 6.11
N LYS A 558 -24.79 -11.69 6.31
CA LYS A 558 -25.34 -10.96 5.16
C LYS A 558 -24.44 -9.82 4.74
N ALA A 559 -23.87 -9.10 5.71
CA ALA A 559 -23.03 -7.95 5.35
C ALA A 559 -21.76 -8.40 4.65
N SER A 560 -21.31 -9.62 4.88
N SER A 560 -21.32 -9.63 4.88
CA SER A 560 -20.12 -10.13 4.20
CA SER A 560 -20.13 -10.16 4.20
C SER A 560 -20.34 -10.32 2.70
C SER A 560 -20.32 -10.25 2.69
N LYS A 561 -21.57 -10.21 2.21
CA LYS A 561 -21.83 -10.22 0.78
C LYS A 561 -21.65 -8.84 0.14
N GLY A 562 -21.34 -7.82 0.93
CA GLY A 562 -21.08 -6.48 0.42
C GLY A 562 -22.33 -5.64 0.23
N GLY A 563 -23.40 -6.28 -0.23
CA GLY A 563 -24.71 -5.68 -0.34
C GLY A 563 -25.74 -6.74 -0.03
N TYR A 564 -26.82 -6.36 0.64
CA TYR A 564 -27.83 -7.33 1.01
C TYR A 564 -29.16 -6.64 1.26
N THR A 565 -30.23 -7.43 1.17
CA THR A 565 -31.57 -6.93 1.44
C THR A 565 -31.75 -6.89 2.95
N LEU A 566 -31.85 -5.68 3.48
CA LEU A 566 -32.06 -5.48 4.91
C LEU A 566 -33.54 -5.62 5.25
N VAL A 567 -34.39 -4.92 4.51
CA VAL A 567 -35.84 -5.00 4.65
C VAL A 567 -36.39 -5.46 3.30
N GLN A 568 -36.95 -6.66 3.28
CA GLN A 568 -37.56 -7.22 2.08
C GLN A 568 -39.02 -6.83 2.04
N GLN A 569 -39.46 -6.32 0.90
CA GLN A 569 -40.86 -5.94 0.69
C GLN A 569 -41.28 -6.53 -0.64
N ASP A 570 -42.06 -7.62 -0.59
CA ASP A 570 -42.46 -8.30 -1.83
C ASP A 570 -43.31 -7.43 -2.74
N LYS A 571 -44.02 -6.45 -2.21
CA LYS A 571 -44.83 -5.58 -3.06
C LYS A 571 -44.26 -4.18 -3.10
N ALA A 572 -42.93 -4.08 -3.19
CA ALA A 572 -42.29 -2.78 -3.08
C ALA A 572 -42.66 -1.88 -4.23
N ASP A 573 -43.00 -0.64 -3.88
CA ASP A 573 -43.10 0.44 -4.86
C ASP A 573 -41.74 1.05 -5.16
N ILE A 574 -40.78 0.87 -4.26
CA ILE A 574 -39.44 1.42 -4.41
C ILE A 574 -38.53 0.64 -3.48
N ILE A 575 -37.27 0.54 -3.86
CA ILE A 575 -36.21 0.06 -2.97
C ILE A 575 -35.27 1.22 -2.72
N ILE A 576 -34.93 1.44 -1.46
CA ILE A 576 -33.92 2.43 -1.08
C ILE A 576 -32.63 1.69 -0.76
N VAL A 577 -31.57 2.03 -1.49
CA VAL A 577 -30.24 1.47 -1.23
C VAL A 577 -29.40 2.53 -0.55
N ALA A 578 -28.73 2.15 0.53
CA ALA A 578 -28.00 3.13 1.33
C ALA A 578 -26.78 2.46 1.94
N THR A 579 -25.91 3.30 2.51
CA THR A 579 -24.72 2.85 3.20
C THR A 579 -24.61 3.57 4.53
N GLY A 580 -23.86 2.95 5.44
CA GLY A 580 -23.41 3.64 6.64
C GLY A 580 -24.54 4.30 7.41
N SER A 581 -24.31 5.55 7.78
CA SER A 581 -25.27 6.32 8.55
C SER A 581 -26.61 6.51 7.83
N GLU A 582 -26.66 6.33 6.52
CA GLU A 582 -27.89 6.55 5.80
C GLU A 582 -28.79 5.33 5.76
N VAL A 583 -28.32 4.15 6.20
CA VAL A 583 -29.20 2.99 6.24
C VAL A 583 -30.31 3.20 7.27
N SER A 584 -29.95 3.63 8.47
CA SER A 584 -30.94 3.93 9.50
C SER A 584 -31.90 5.02 9.02
N LEU A 585 -31.38 6.00 8.30
CA LEU A 585 -32.22 7.04 7.72
C LEU A 585 -33.23 6.44 6.75
N ALA A 586 -32.79 5.51 5.90
CA ALA A 586 -33.69 4.85 4.96
C ALA A 586 -34.77 4.06 5.69
N VAL A 587 -34.40 3.36 6.76
CA VAL A 587 -35.38 2.61 7.55
C VAL A 587 -36.42 3.56 8.14
N ASP A 588 -35.98 4.71 8.65
CA ASP A 588 -36.93 5.69 9.16
C ASP A 588 -37.80 6.27 8.05
N ALA A 589 -37.23 6.47 6.86
CA ALA A 589 -38.01 6.96 5.73
C ALA A 589 -39.07 5.95 5.31
N LEU A 590 -38.75 4.65 5.40
CA LEU A 590 -39.73 3.62 5.06
C LEU A 590 -41.00 3.80 5.89
N LYS A 591 -40.85 4.16 7.16
CA LYS A 591 -42.02 4.37 8.01
C LYS A 591 -42.82 5.59 7.57
N VAL A 592 -42.15 6.69 7.24
CA VAL A 592 -42.84 7.86 6.71
C VAL A 592 -43.60 7.49 5.43
N LEU A 593 -42.95 6.73 4.56
CA LEU A 593 -43.56 6.35 3.29
C LEU A 593 -44.79 5.49 3.50
N GLU A 594 -44.76 4.60 4.49
CA GLU A 594 -45.94 3.77 4.76
C GLU A 594 -47.15 4.64 5.03
N GLY A 595 -46.97 5.75 5.75
CA GLY A 595 -48.07 6.67 6.01
C GLY A 595 -48.57 7.41 4.79
N GLN A 596 -47.75 7.47 3.74
CA GLN A 596 -48.12 8.03 2.44
C GLN A 596 -48.65 6.97 1.48
N GLY A 597 -48.79 5.73 1.91
CA GLY A 597 -49.27 4.66 1.05
C GLY A 597 -48.24 4.07 0.12
N ILE A 598 -46.95 4.22 0.43
CA ILE A 598 -45.86 3.73 -0.41
C ILE A 598 -45.10 2.68 0.37
N LYS A 599 -44.91 1.51 -0.23
CA LYS A 599 -44.19 0.40 0.39
C LYS A 599 -42.76 0.39 -0.14
N ALA A 600 -41.79 0.46 0.77
CA ALA A 600 -40.40 0.46 0.38
C ALA A 600 -39.68 -0.76 0.94
N GLY A 601 -38.69 -1.24 0.19
CA GLY A 601 -37.67 -2.11 0.72
C GLY A 601 -36.39 -1.33 0.99
N VAL A 602 -35.48 -1.91 1.77
CA VAL A 602 -34.19 -1.31 2.05
C VAL A 602 -33.08 -2.30 1.75
N VAL A 603 -32.07 -1.83 1.01
CA VAL A 603 -30.83 -2.54 0.78
C VAL A 603 -29.70 -1.79 1.47
N SER A 604 -28.86 -2.52 2.19
CA SER A 604 -27.63 -1.97 2.73
C SER A 604 -26.48 -2.43 1.84
N LEU A 605 -25.61 -1.48 1.46
CA LEU A 605 -24.52 -1.76 0.53
C LEU A 605 -23.17 -1.38 1.18
N PRO A 606 -22.78 -2.09 2.23
CA PRO A 606 -21.56 -1.69 2.95
C PRO A 606 -20.29 -1.72 2.14
N ASP A 607 -20.14 -2.59 1.13
CA ASP A 607 -18.98 -2.49 0.24
C ASP A 607 -19.40 -2.81 -1.19
N GLN A 608 -19.27 -1.80 -2.06
CA GLN A 608 -19.61 -1.96 -3.46
C GLN A 608 -18.72 -2.98 -4.16
N LEU A 609 -17.42 -3.02 -3.84
CA LEU A 609 -16.55 -3.97 -4.52
C LEU A 609 -16.93 -5.41 -4.19
N THR A 610 -17.07 -5.70 -2.90
CA THR A 610 -17.48 -7.04 -2.49
C THR A 610 -18.82 -7.41 -3.14
N PHE A 611 -19.76 -6.48 -3.16
CA PHE A 611 -21.05 -6.76 -3.79
C PHE A 611 -20.87 -7.09 -5.26
N ASP A 612 -20.07 -6.30 -5.97
CA ASP A 612 -19.87 -6.51 -7.40
C ASP A 612 -19.33 -7.90 -7.69
N LYS A 613 -18.55 -8.45 -6.76
CA LYS A 613 -17.93 -9.76 -6.94
C LYS A 613 -18.88 -10.92 -6.69
N GLN A 614 -20.09 -10.67 -6.17
CA GLN A 614 -21.05 -11.74 -5.96
C GLN A 614 -21.62 -12.21 -7.30
N SER A 615 -22.33 -13.34 -7.25
CA SER A 615 -22.91 -13.87 -8.49
C SER A 615 -23.98 -12.92 -9.02
N GLU A 616 -24.19 -12.98 -10.33
CA GLU A 616 -25.23 -12.17 -10.97
C GLU A 616 -26.58 -12.43 -10.34
N GLU A 617 -26.89 -13.69 -10.06
CA GLU A 617 -28.18 -14.03 -9.46
C GLU A 617 -28.32 -13.43 -8.07
N TYR A 618 -27.26 -13.51 -7.26
CA TYR A 618 -27.32 -12.90 -5.94
C TYR A 618 -27.57 -11.40 -6.06
N LYS A 619 -26.80 -10.75 -6.93
CA LYS A 619 -26.93 -9.30 -7.06
C LYS A 619 -28.32 -8.89 -7.50
N LEU A 620 -28.91 -9.64 -8.45
CA LEU A 620 -30.26 -9.36 -8.89
C LEU A 620 -31.30 -9.63 -7.80
N SER A 621 -31.01 -10.54 -6.87
CA SER A 621 -31.93 -10.76 -5.75
C SER A 621 -31.97 -9.54 -4.83
N VAL A 622 -30.89 -8.76 -4.83
CA VAL A 622 -30.81 -7.55 -4.02
C VAL A 622 -31.36 -6.34 -4.77
N LEU A 623 -31.05 -6.23 -6.06
CA LEU A 623 -31.47 -5.12 -6.90
C LEU A 623 -32.24 -5.70 -8.09
N PRO A 624 -33.49 -6.10 -7.89
CA PRO A 624 -34.23 -6.80 -8.94
C PRO A 624 -34.73 -5.84 -10.02
N ASP A 625 -35.17 -6.44 -11.14
CA ASP A 625 -35.91 -5.73 -12.15
C ASP A 625 -37.29 -5.35 -11.61
N GLY A 626 -37.93 -4.39 -12.27
CA GLY A 626 -39.35 -4.12 -12.06
C GLY A 626 -39.68 -3.19 -10.92
N VAL A 627 -38.70 -2.49 -10.36
CA VAL A 627 -38.96 -1.61 -9.22
C VAL A 627 -37.96 -0.46 -9.24
N PRO A 628 -38.41 0.78 -9.09
CA PRO A 628 -37.44 1.89 -9.00
C PRO A 628 -36.57 1.76 -7.77
N ILE A 629 -35.31 2.17 -7.92
CA ILE A 629 -34.34 2.12 -6.84
C ILE A 629 -33.73 3.50 -6.64
N LEU A 630 -33.76 3.98 -5.40
CA LEU A 630 -33.22 5.26 -5.00
C LEU A 630 -32.03 5.03 -4.08
N SER A 631 -30.88 5.62 -4.39
CA SER A 631 -29.74 5.57 -3.46
C SER A 631 -29.75 6.76 -2.52
N VAL A 632 -29.24 6.54 -1.30
CA VAL A 632 -29.10 7.58 -0.29
C VAL A 632 -27.74 7.43 0.39
N GLU A 633 -26.90 8.46 0.26
CA GLU A 633 -25.59 8.48 0.89
C GLU A 633 -25.16 9.95 0.90
N VAL A 634 -24.71 10.45 2.05
CA VAL A 634 -24.53 11.90 2.23
C VAL A 634 -23.19 12.40 1.70
N MET A 635 -22.88 12.00 0.47
CA MET A 635 -21.67 12.41 -0.24
C MET A 635 -21.96 12.29 -1.73
N SER A 636 -20.92 12.35 -2.56
CA SER A 636 -21.10 12.41 -4.01
C SER A 636 -22.02 11.30 -4.52
N THR A 637 -22.81 11.63 -5.53
CA THR A 637 -23.61 10.62 -6.20
C THR A 637 -22.83 9.83 -7.25
N PHE A 638 -21.56 10.14 -7.52
CA PHE A 638 -20.82 9.40 -8.52
C PHE A 638 -20.75 7.91 -8.16
N GLY A 639 -20.91 7.05 -9.18
CA GLY A 639 -20.90 5.61 -9.02
C GLY A 639 -22.24 5.00 -8.70
N TRP A 640 -23.15 5.79 -8.11
CA TRP A 640 -24.36 5.24 -7.55
C TRP A 640 -25.33 4.75 -8.61
N SER A 641 -25.24 5.26 -9.84
CA SER A 641 -26.07 4.75 -10.92
C SER A 641 -25.79 3.29 -11.26
N LYS A 642 -24.67 2.72 -10.77
CA LYS A 642 -24.47 1.28 -10.92
C LYS A 642 -25.58 0.50 -10.22
N TYR A 643 -26.18 1.09 -9.19
CA TYR A 643 -27.03 0.38 -8.25
C TYR A 643 -28.41 0.98 -8.11
N SER A 644 -28.68 2.11 -8.76
CA SER A 644 -29.90 2.86 -8.53
C SER A 644 -30.31 3.59 -9.80
N HIS A 645 -31.60 3.92 -9.87
CA HIS A 645 -32.15 4.75 -10.94
C HIS A 645 -32.08 6.24 -10.62
N GLN A 646 -32.29 6.60 -9.37
CA GLN A 646 -32.20 7.97 -8.90
C GLN A 646 -31.28 7.99 -7.68
N GLN A 647 -30.61 9.13 -7.47
CA GLN A 647 -29.59 9.23 -6.43
C GLN A 647 -29.84 10.48 -5.60
N PHE A 648 -29.94 10.31 -4.28
CA PHE A 648 -29.99 11.41 -3.33
C PHE A 648 -28.64 11.43 -2.62
N GLY A 649 -27.83 12.42 -2.96
CA GLY A 649 -26.52 12.57 -2.35
C GLY A 649 -26.23 14.03 -2.08
N LEU A 650 -24.97 14.30 -1.73
CA LEU A 650 -24.50 15.64 -1.40
C LEU A 650 -23.33 15.93 -2.33
N ASN A 651 -23.56 16.86 -3.27
CA ASN A 651 -22.60 17.18 -4.33
C ASN A 651 -22.05 18.60 -4.18
N ARG A 652 -22.16 19.17 -2.98
CA ARG A 652 -21.60 20.46 -2.64
C ARG A 652 -20.81 20.28 -1.35
N PHE A 653 -19.97 21.25 -1.01
CA PHE A 653 -19.23 21.18 0.24
C PHE A 653 -20.17 21.34 1.44
N GLY A 654 -19.66 20.94 2.60
CA GLY A 654 -20.46 20.93 3.81
C GLY A 654 -20.55 22.27 4.52
N ALA A 655 -20.57 22.21 5.85
CA ALA A 655 -20.86 23.40 6.65
C ALA A 655 -20.36 23.15 8.06
N SER A 656 -20.06 24.24 8.77
CA SER A 656 -19.63 24.14 10.16
C SER A 656 -20.82 24.39 11.09
N GLY A 657 -21.24 23.35 11.78
CA GLY A 657 -22.35 23.45 12.72
C GLY A 657 -22.55 22.10 13.38
N LYS A 658 -23.52 22.06 14.30
CA LYS A 658 -23.88 20.80 14.92
C LYS A 658 -24.42 19.85 13.85
N ALA A 659 -23.93 18.61 13.86
CA ALA A 659 -24.24 17.67 12.78
C ALA A 659 -25.74 17.52 12.50
N PRO A 660 -26.61 17.35 13.49
CA PRO A 660 -28.04 17.17 13.15
C PRO A 660 -28.62 18.35 12.38
N GLU A 661 -28.12 19.56 12.65
CA GLU A 661 -28.58 20.74 11.93
C GLU A 661 -28.10 20.73 10.48
N ILE A 662 -26.91 20.18 10.23
CA ILE A 662 -26.44 20.08 8.86
C ILE A 662 -27.28 19.08 8.08
N PHE A 663 -27.57 17.92 8.67
CA PHE A 663 -28.42 16.95 8.01
C PHE A 663 -29.78 17.57 7.68
N LYS A 664 -30.34 18.32 8.61
CA LYS A 664 -31.63 18.98 8.35
C LYS A 664 -31.51 20.00 7.21
N LEU A 665 -30.43 20.79 7.21
CA LEU A 665 -30.22 21.78 6.16
C LEU A 665 -30.26 21.15 4.77
N PHE A 666 -29.61 20.00 4.63
CA PHE A 666 -29.52 19.34 3.33
C PHE A 666 -30.64 18.34 3.09
N GLU A 667 -31.62 18.27 4.00
CA GLU A 667 -32.82 17.46 3.85
C GLU A 667 -32.54 15.96 3.91
N PHE A 668 -31.42 15.57 4.52
CA PHE A 668 -31.15 14.17 4.84
C PHE A 668 -31.87 13.84 6.14
N THR A 669 -33.19 13.77 6.04
CA THR A 669 -34.11 13.50 7.11
C THR A 669 -35.10 12.44 6.61
N PRO A 670 -35.82 11.78 7.52
CA PRO A 670 -36.80 10.79 7.04
C PRO A 670 -37.79 11.38 6.05
N GLU A 671 -38.23 12.60 6.31
CA GLU A 671 -39.19 13.27 5.42
C GLU A 671 -38.55 13.66 4.11
N GLY A 672 -37.29 14.12 4.13
CA GLY A 672 -36.63 14.48 2.89
C GLY A 672 -36.37 13.29 1.99
N VAL A 673 -35.97 12.17 2.59
CA VAL A 673 -35.80 10.93 1.83
C VAL A 673 -37.15 10.46 1.30
N ALA A 674 -38.18 10.48 2.14
CA ALA A 674 -39.50 10.05 1.71
C ALA A 674 -40.01 10.88 0.55
N GLU A 675 -39.79 12.21 0.60
CA GLU A 675 -40.25 13.07 -0.48
C GLU A 675 -39.62 12.67 -1.81
N ARG A 676 -38.31 12.40 -1.78
CA ARG A 676 -37.60 12.04 -3.00
C ARG A 676 -37.98 10.63 -3.45
N ALA A 677 -38.24 9.73 -2.50
CA ALA A 677 -38.75 8.41 -2.85
C ALA A 677 -40.11 8.50 -3.53
N ALA A 678 -41.02 9.32 -2.99
CA ALA A 678 -42.33 9.48 -3.61
C ALA A 678 -42.21 10.09 -5.01
N LYS A 679 -41.31 11.06 -5.18
CA LYS A 679 -41.10 11.63 -6.50
C LYS A 679 -40.53 10.59 -7.46
N THR A 680 -39.68 9.69 -6.95
CA THR A 680 -39.13 8.62 -7.78
C THR A 680 -40.22 7.67 -8.23
N VAL A 681 -41.10 7.25 -7.32
CA VAL A 681 -42.22 6.40 -7.71
C VAL A 681 -43.05 7.07 -8.79
N ALA A 682 -43.35 8.36 -8.61
CA ALA A 682 -44.17 9.08 -9.57
C ALA A 682 -43.49 9.19 -10.93
N PHE A 683 -42.16 9.40 -10.92
CA PHE A 683 -41.40 9.56 -12.16
C PHE A 683 -41.41 8.31 -13.02
N TYR A 684 -41.54 7.14 -12.39
CA TYR A 684 -41.55 5.87 -13.11
C TYR A 684 -42.94 5.32 -13.36
N LYS A 685 -43.99 6.03 -12.97
CA LYS A 685 -45.35 5.61 -13.31
C LYS A 685 -45.49 5.50 -14.84
N GLY A 686 -45.99 4.37 -15.30
CA GLY A 686 -46.16 4.13 -16.71
C GLY A 686 -44.91 3.72 -17.45
N LYS A 687 -43.79 3.56 -16.76
CA LYS A 687 -42.53 3.18 -17.38
C LYS A 687 -42.19 1.73 -17.01
N ASP A 688 -41.43 1.09 -17.89
CA ASP A 688 -40.89 -0.24 -17.63
C ASP A 688 -39.50 -0.06 -17.04
N VAL A 689 -39.27 -0.64 -15.86
CA VAL A 689 -38.05 -0.42 -15.09
C VAL A 689 -37.28 -1.73 -15.00
N VAL A 690 -36.00 -1.71 -15.39
CA VAL A 690 -35.15 -2.88 -15.21
C VAL A 690 -34.03 -2.54 -14.24
N SER A 691 -33.42 -3.57 -13.68
CA SER A 691 -32.42 -3.36 -12.65
C SER A 691 -31.30 -2.45 -13.17
N PRO A 692 -30.77 -1.57 -12.32
CA PRO A 692 -29.54 -0.85 -12.68
C PRO A 692 -28.38 -1.78 -13.01
N LEU A 693 -28.44 -3.05 -12.57
CA LEU A 693 -27.39 -4.00 -12.88
C LEU A 693 -27.39 -4.44 -14.34
N ARG A 694 -28.48 -4.23 -15.06
CA ARG A 694 -28.51 -4.61 -16.47
C ARG A 694 -27.66 -3.64 -17.28
N SER A 695 -27.14 -4.13 -18.41
N SER A 695 -27.11 -4.12 -18.38
CA SER A 695 -26.20 -3.38 -19.23
CA SER A 695 -26.40 -3.24 -19.29
C SER A 695 -26.27 -3.90 -20.66
C SER A 695 -26.44 -3.83 -20.68
N ALA A 696 -26.04 -3.00 -21.63
CA ALA A 696 -26.06 -3.39 -23.04
C ALA A 696 -24.85 -4.21 -23.43
N PHE A 697 -23.76 -4.11 -22.68
CA PHE A 697 -22.51 -4.78 -23.00
C PHE A 697 -21.66 -4.84 -21.75
#